data_3ZLI
#
_entry.id   3ZLI
#
_cell.length_a   90.585
_cell.length_b   110.249
_cell.length_c   118.242
_cell.angle_alpha   90.00
_cell.angle_beta   90.00
_cell.angle_gamma   90.00
#
_symmetry.space_group_name_H-M   'P 21 21 21'
#
loop_
_entity.id
_entity.type
_entity.pdbx_description
1 polymer 'HISTONE DEMETHYLASE UTY'
2 non-polymer 1,2-ETHANEDIOL
3 non-polymer '2-OXOGLUTARIC ACID'
4 non-polymer 'FE (II) ION'
5 non-polymer 'ZINC ION'
6 water water
#
_entity_poly.entity_id   1
_entity_poly.type   'polypeptide(L)'
_entity_poly.pdbx_seq_one_letter_code
;MLPKDKLNPPTPSIYLENKRDAFFPPLHQFCTNPKNPVTVIRGLAGALKLDLGLFSTKTLVEANNEHMVEVRTQLLQPAD
ENWDPTGTKKIWRCESNRSHTTIAKYAQYQASSFQESLREENEKRTQHKDHSDNESTSSENSGRRRKGPFKTIKFGTNID
LSDNKKWKLQLHELTKLPAFARVVSAGNLLTHVGHTILGMNTVQLYMKVPGSRTPGHQENNNFCSVNINIGPGDCEWFVV
PEDYWGVLNDFCEKNNLNFLMSSWWPNLEDLYEANVPVYRFIQRPGDLVWINAGTVHWVQAVGWCNNIAWNVGPLTACQY
KLAVERYEWNKLKSVKSPVPMVHLSWNMARNIKVSDPKLFEMIKYCLLKILKQYQTLREALVAAGKEVIWHGRTNDEPAH
YCSICEVEVFNLLFVTNESNTQKTYIVHCHDCARKTSKSLENFVVLEQYKMEDLIQVYDQFTLALSLSSSSAENLYFQ
;
_entity_poly.pdbx_strand_id   A,B
#
# COMPACT_ATOMS: atom_id res chain seq x y z
N LYS A 4 21.74 -23.51 -23.18
CA LYS A 4 21.24 -24.02 -21.87
C LYS A 4 19.70 -23.92 -21.78
N ASP A 5 19.09 -24.67 -20.86
CA ASP A 5 17.66 -24.49 -20.52
C ASP A 5 17.53 -23.26 -19.60
N LYS A 6 18.66 -22.81 -19.03
CA LYS A 6 18.74 -21.49 -18.41
C LYS A 6 18.36 -20.40 -19.42
N LEU A 7 18.40 -20.70 -20.71
CA LEU A 7 18.02 -19.73 -21.74
C LEU A 7 16.54 -19.75 -22.09
N ASN A 8 15.81 -20.71 -21.53
CA ASN A 8 14.36 -20.82 -21.69
C ASN A 8 13.76 -21.00 -20.28
N PRO A 9 13.89 -19.99 -19.45
CA PRO A 9 13.47 -20.13 -18.08
C PRO A 9 11.94 -20.15 -17.90
N PRO A 10 11.46 -20.70 -16.79
CA PRO A 10 10.01 -20.70 -16.53
C PRO A 10 9.50 -19.26 -16.26
N THR A 11 8.24 -19.00 -16.59
CA THR A 11 7.68 -17.68 -16.35
C THR A 11 7.23 -17.52 -14.92
N PRO A 12 7.66 -16.43 -14.26
CA PRO A 12 7.16 -16.22 -12.89
C PRO A 12 5.65 -16.03 -12.94
N SER A 13 4.94 -16.84 -12.18
CA SER A 13 3.48 -16.93 -12.35
C SER A 13 2.83 -17.02 -11.01
N ILE A 14 1.70 -16.31 -10.88
CA ILE A 14 0.89 -16.33 -9.66
C ILE A 14 -0.46 -16.79 -10.13
N TYR A 15 -1.00 -17.76 -9.43
CA TYR A 15 -2.26 -18.34 -9.73
C TYR A 15 -3.30 -17.78 -8.73
N LEU A 16 -4.20 -16.89 -9.14
CA LEU A 16 -5.18 -16.32 -8.21
C LEU A 16 -6.52 -16.99 -8.24
N GLU A 17 -7.12 -17.25 -7.08
CA GLU A 17 -8.49 -17.81 -7.01
C GLU A 17 -9.53 -16.80 -6.55
N ASN A 18 -9.16 -15.93 -5.61
CA ASN A 18 -10.12 -14.97 -5.04
C ASN A 18 -9.52 -13.62 -4.70
N LYS A 19 -10.41 -12.75 -4.20
CA LYS A 19 -10.00 -11.40 -3.77
C LYS A 19 -8.90 -11.42 -2.77
N ARG A 20 -8.96 -12.34 -1.81
CA ARG A 20 -7.87 -12.45 -0.83
C ARG A 20 -6.49 -12.58 -1.50
N ASP A 21 -6.41 -13.44 -2.51
CA ASP A 21 -5.14 -13.67 -3.21
C ASP A 21 -4.74 -12.41 -3.94
N ALA A 22 -5.70 -11.69 -4.51
CA ALA A 22 -5.36 -10.45 -5.21
C ALA A 22 -4.80 -9.35 -4.30
N PHE A 23 -5.31 -9.27 -3.09
CA PHE A 23 -4.95 -8.21 -2.13
C PHE A 23 -3.84 -8.63 -1.18
N PHE A 24 -3.37 -9.86 -1.32
CA PHE A 24 -2.31 -10.37 -0.46
C PHE A 24 -0.96 -9.65 -0.75
N PRO A 25 -0.37 -9.00 0.28
CA PRO A 25 0.82 -8.13 0.01
C PRO A 25 2.03 -8.82 -0.66
N PRO A 26 2.29 -10.11 -0.34
CA PRO A 26 3.35 -10.75 -1.08
C PRO A 26 3.19 -10.73 -2.65
N LEU A 27 1.98 -10.54 -3.16
CA LEU A 27 1.78 -10.40 -4.62
C LEU A 27 2.49 -9.12 -5.18
N HIS A 28 2.24 -8.00 -4.52
CA HIS A 28 2.83 -6.68 -4.82
C HIS A 28 4.38 -6.78 -4.79
N GLN A 29 4.86 -7.45 -3.76
CA GLN A 29 6.30 -7.59 -3.53
CA GLN A 29 6.29 -7.59 -3.52
C GLN A 29 6.92 -8.46 -4.59
N PHE A 30 6.19 -9.49 -5.02
CA PHE A 30 6.72 -10.39 -6.05
C PHE A 30 6.84 -9.63 -7.39
N CYS A 31 5.79 -8.89 -7.72
CA CYS A 31 5.78 -8.16 -9.00
C CYS A 31 6.92 -7.15 -9.07
N THR A 32 7.21 -6.47 -7.96
CA THR A 32 8.19 -5.37 -8.00
C THR A 32 9.62 -5.79 -7.71
N ASN A 33 9.81 -7.05 -7.35
CA ASN A 33 11.12 -7.61 -7.13
C ASN A 33 11.90 -7.60 -8.46
N PRO A 34 13.03 -6.89 -8.50
CA PRO A 34 13.82 -6.85 -9.73
C PRO A 34 14.31 -8.20 -10.26
N LYS A 35 14.31 -9.26 -9.46
CA LYS A 35 14.69 -10.55 -9.99
C LYS A 35 13.61 -11.18 -10.86
N ASN A 36 12.40 -10.63 -10.84
CA ASN A 36 11.31 -11.14 -11.68
C ASN A 36 11.11 -10.15 -12.81
N PRO A 37 11.61 -10.47 -13.99
CA PRO A 37 11.46 -9.52 -15.11
C PRO A 37 10.03 -9.34 -15.53
N VAL A 38 9.21 -10.37 -15.34
CA VAL A 38 7.78 -10.32 -15.71
C VAL A 38 7.08 -11.18 -14.69
N THR A 39 5.83 -10.85 -14.39
CA THR A 39 5.00 -11.72 -13.58
C THR A 39 3.67 -11.85 -14.29
N VAL A 40 3.23 -13.09 -14.50
CA VAL A 40 1.90 -13.31 -15.05
C VAL A 40 0.94 -13.68 -13.90
N ILE A 41 -0.10 -12.87 -13.70
CA ILE A 41 -1.06 -13.06 -12.64
C ILE A 41 -2.28 -13.72 -13.31
N ARG A 42 -2.33 -15.04 -13.20
CA ARG A 42 -3.32 -15.84 -13.87
C ARG A 42 -4.60 -15.76 -13.09
N GLY A 43 -5.70 -15.62 -13.81
CA GLY A 43 -7.00 -15.64 -13.19
C GLY A 43 -7.37 -14.35 -12.49
N LEU A 44 -6.69 -13.26 -12.81
CA LEU A 44 -6.86 -11.98 -12.10
C LEU A 44 -8.25 -11.43 -12.27
N ALA A 45 -8.75 -11.40 -13.48
CA ALA A 45 -10.10 -10.89 -13.70
C ALA A 45 -11.17 -11.69 -12.97
N GLY A 46 -11.09 -13.01 -13.07
CA GLY A 46 -12.00 -13.93 -12.35
C GLY A 46 -11.95 -13.73 -10.85
N ALA A 47 -10.74 -13.64 -10.30
CA ALA A 47 -10.58 -13.43 -8.87
C ALA A 47 -11.24 -12.16 -8.32
N LEU A 48 -11.22 -11.08 -9.10
CA LEU A 48 -11.85 -9.80 -8.70
C LEU A 48 -13.26 -9.60 -9.20
N LYS A 49 -13.77 -10.55 -9.97
CA LYS A 49 -15.05 -10.39 -10.67
C LYS A 49 -15.05 -9.13 -11.52
N LEU A 50 -13.94 -8.89 -12.22
CA LEU A 50 -13.84 -7.76 -13.17
C LEU A 50 -14.67 -8.07 -14.39
N ASP A 51 -15.54 -7.13 -14.78
CA ASP A 51 -16.34 -7.34 -15.98
C ASP A 51 -15.57 -6.97 -17.25
N LEU A 52 -14.91 -7.98 -17.84
CA LEU A 52 -14.15 -7.79 -19.08
C LEU A 52 -15.06 -7.46 -20.27
N GLY A 53 -16.34 -7.81 -20.18
CA GLY A 53 -17.36 -7.40 -21.14
C GLY A 53 -17.45 -5.89 -21.40
N LEU A 54 -17.05 -5.07 -20.44
CA LEU A 54 -17.00 -3.63 -20.63
C LEU A 54 -15.95 -3.22 -21.68
N PHE A 55 -15.03 -4.13 -22.02
CA PHE A 55 -13.99 -3.88 -22.99
C PHE A 55 -14.14 -4.75 -24.27
N SER A 56 -15.29 -5.40 -24.44
CA SER A 56 -15.54 -6.20 -25.62
C SER A 56 -15.69 -5.23 -26.77
N THR A 57 -15.37 -5.71 -27.97
CA THR A 57 -15.57 -4.91 -29.16
C THR A 57 -17.03 -4.40 -29.25
N LYS A 58 -18.02 -5.24 -28.96
CA LYS A 58 -19.43 -4.82 -29.07
C LYS A 58 -19.67 -3.62 -28.16
N THR A 59 -19.18 -3.72 -26.91
CA THR A 59 -19.38 -2.63 -25.96
C THR A 59 -18.68 -1.36 -26.41
N LEU A 60 -17.46 -1.50 -26.91
CA LEU A 60 -16.70 -0.32 -27.36
C LEU A 60 -17.37 0.38 -28.52
N VAL A 61 -17.91 -0.38 -29.46
CA VAL A 61 -18.61 0.20 -30.62
C VAL A 61 -19.87 0.97 -30.16
N GLU A 62 -20.62 0.40 -29.22
CA GLU A 62 -21.79 1.08 -28.65
C GLU A 62 -21.41 2.38 -27.92
N ALA A 63 -20.29 2.39 -27.22
CA ALA A 63 -19.89 3.54 -26.41
C ALA A 63 -19.35 4.74 -27.21
N ASN A 64 -18.48 4.47 -28.17
CA ASN A 64 -17.76 5.54 -28.88
C ASN A 64 -17.35 5.02 -30.24
N ASN A 65 -18.33 4.89 -31.11
CA ASN A 65 -18.11 4.24 -32.38
C ASN A 65 -17.13 4.95 -33.31
N GLU A 66 -16.99 6.27 -33.18
CA GLU A 66 -16.10 7.06 -34.05
C GLU A 66 -14.75 7.33 -33.42
N HIS A 67 -14.46 6.64 -32.32
CA HIS A 67 -13.25 6.91 -31.62
C HIS A 67 -12.07 6.50 -32.47
N MET A 68 -10.97 7.22 -32.41
CA MET A 68 -9.79 6.94 -33.25
C MET A 68 -9.02 5.71 -32.81
N VAL A 69 -8.53 4.98 -33.81
CA VAL A 69 -7.71 3.75 -33.65
C VAL A 69 -6.48 3.93 -34.52
N GLU A 70 -5.28 3.73 -33.99
CA GLU A 70 -4.10 3.74 -34.86
C GLU A 70 -3.99 2.34 -35.45
N VAL A 71 -3.89 2.23 -36.76
CA VAL A 71 -3.77 0.94 -37.40
C VAL A 71 -2.32 0.69 -37.79
N ARG A 72 -1.83 -0.51 -37.49
CA ARG A 72 -0.60 -1.01 -38.06
C ARG A 72 -0.95 -2.07 -39.02
N THR A 73 -0.54 -1.89 -40.26
CA THR A 73 -0.68 -2.96 -41.26
C THR A 73 0.64 -3.73 -41.32
N GLN A 74 0.53 -5.03 -41.14
CA GLN A 74 1.65 -5.92 -40.92
C GLN A 74 1.47 -7.18 -41.74
N LEU A 75 2.54 -7.92 -41.92
CA LEU A 75 2.48 -9.26 -42.51
C LEU A 75 2.14 -10.30 -41.47
N LEU A 76 1.37 -11.31 -41.84
CA LEU A 76 1.04 -12.40 -40.89
C LEU A 76 2.16 -13.43 -40.96
N GLN A 77 3.00 -13.49 -39.92
CA GLN A 77 4.27 -14.23 -39.93
C GLN A 77 4.02 -15.53 -39.20
N PRO A 78 4.81 -16.58 -39.51
CA PRO A 78 4.57 -17.85 -38.87
C PRO A 78 5.17 -17.98 -37.48
N ALA A 79 4.37 -18.51 -36.58
CA ALA A 79 4.85 -18.91 -35.25
C ALA A 79 5.54 -17.70 -34.61
N ASP A 80 6.81 -17.88 -34.25
CA ASP A 80 7.59 -16.91 -33.50
C ASP A 80 8.67 -16.24 -34.33
N GLU A 81 8.55 -16.36 -35.66
CA GLU A 81 9.54 -15.94 -36.64
C GLU A 81 9.20 -14.63 -37.35
N ASN A 82 10.22 -14.01 -37.93
CA ASN A 82 10.03 -12.86 -38.82
C ASN A 82 10.94 -12.97 -40.04
N TRP A 83 10.31 -13.10 -41.21
CA TRP A 83 11.03 -13.36 -42.47
C TRP A 83 11.02 -12.08 -43.27
N ASP A 84 12.07 -11.85 -44.04
CA ASP A 84 12.10 -10.77 -44.99
C ASP A 84 10.93 -10.97 -45.97
N PRO A 85 10.49 -9.90 -46.62
CA PRO A 85 9.29 -10.09 -47.47
C PRO A 85 9.43 -11.18 -48.58
N THR A 86 10.64 -11.43 -49.08
CA THR A 86 10.84 -12.51 -50.10
C THR A 86 10.73 -13.92 -49.52
N GLY A 87 10.72 -14.04 -48.20
CA GLY A 87 10.61 -15.35 -47.55
C GLY A 87 11.89 -16.14 -47.62
N THR A 88 13.01 -15.46 -47.80
CA THR A 88 14.31 -16.09 -47.96
C THR A 88 15.10 -16.23 -46.66
N LYS A 89 14.98 -15.26 -45.77
CA LYS A 89 15.72 -15.38 -44.54
C LYS A 89 15.00 -14.64 -43.43
N LYS A 90 15.33 -15.05 -42.22
CA LYS A 90 14.85 -14.46 -41.03
C LYS A 90 15.64 -13.19 -40.72
N ILE A 91 14.93 -12.09 -40.45
CA ILE A 91 15.57 -10.82 -40.14
C ILE A 91 14.82 -10.12 -39.00
N TRP A 92 15.49 -9.15 -38.38
CA TRP A 92 14.87 -8.43 -37.26
C TRP A 92 13.89 -7.35 -37.71
N ARG A 93 14.15 -6.67 -38.83
CA ARG A 93 13.30 -5.55 -39.24
C ARG A 93 11.91 -6.04 -39.56
N CYS A 94 10.88 -5.37 -39.01
CA CYS A 94 9.54 -5.75 -39.44
C CYS A 94 8.70 -4.64 -40.05
N GLU A 95 7.90 -5.04 -41.03
CA GLU A 95 7.04 -4.13 -41.80
C GLU A 95 5.86 -3.79 -40.89
N SER A 96 5.59 -2.49 -40.64
CA SER A 96 4.46 -2.08 -39.72
C SER A 96 3.96 -0.68 -40.16
N ASN A 97 3.33 -0.62 -41.36
CA ASN A 97 2.84 0.65 -41.95
CA ASN A 97 2.86 0.65 -41.95
C ASN A 97 1.64 1.25 -41.19
N ARG A 98 1.58 2.58 -41.08
CA ARG A 98 0.65 3.26 -40.14
C ARG A 98 -0.47 4.02 -40.83
N SER A 99 -1.66 3.97 -40.26
CA SER A 99 -2.81 4.72 -40.78
C SER A 99 -3.77 4.86 -39.56
N HIS A 100 -4.92 5.47 -39.77
CA HIS A 100 -5.91 5.62 -38.74
C HIS A 100 -7.21 5.04 -39.23
N THR A 101 -8.04 4.62 -38.28
CA THR A 101 -9.42 4.24 -38.50
C THR A 101 -10.24 4.60 -37.25
N THR A 102 -11.48 4.15 -37.20
CA THR A 102 -12.33 4.28 -36.02
C THR A 102 -12.62 2.90 -35.38
N ILE A 103 -13.10 2.93 -34.15
CA ILE A 103 -13.50 1.71 -33.47
C ILE A 103 -14.55 0.95 -34.32
N ALA A 104 -15.54 1.68 -34.85
CA ALA A 104 -16.62 1.03 -35.66
C ALA A 104 -16.01 0.29 -36.86
N LYS A 105 -15.08 0.94 -37.56
CA LYS A 105 -14.48 0.36 -38.76
C LYS A 105 -13.54 -0.79 -38.43
N TYR A 106 -12.74 -0.64 -37.37
CA TYR A 106 -11.84 -1.74 -37.00
C TYR A 106 -12.66 -2.95 -36.52
N ALA A 107 -13.69 -2.70 -35.75
CA ALA A 107 -14.59 -3.74 -35.27
C ALA A 107 -15.16 -4.59 -36.44
N GLN A 108 -15.56 -3.92 -37.54
CA GLN A 108 -16.07 -4.61 -38.72
CA GLN A 108 -16.11 -4.61 -38.69
C GLN A 108 -15.04 -5.58 -39.26
N TYR A 109 -13.80 -5.11 -39.35
CA TYR A 109 -12.66 -5.91 -39.84
C TYR A 109 -12.32 -7.07 -38.90
N GLN A 110 -12.31 -6.79 -37.59
CA GLN A 110 -12.03 -7.81 -36.58
C GLN A 110 -13.06 -8.93 -36.67
N ALA A 111 -14.34 -8.56 -36.79
CA ALA A 111 -15.41 -9.56 -36.93
C ALA A 111 -15.36 -10.28 -38.26
N SER A 112 -15.16 -9.57 -39.37
CA SER A 112 -15.15 -10.23 -40.69
CA SER A 112 -15.16 -10.25 -40.68
C SER A 112 -13.95 -11.16 -40.83
N SER A 113 -12.81 -10.79 -40.25
CA SER A 113 -11.57 -11.61 -40.17
CA SER A 113 -11.68 -11.66 -40.33
C SER A 113 -11.92 -12.98 -39.58
N PHE A 114 -12.63 -12.94 -38.47
CA PHE A 114 -13.01 -14.21 -37.80
C PHE A 114 -13.95 -15.05 -38.68
N GLN A 115 -14.99 -14.42 -39.21
CA GLN A 115 -15.91 -15.14 -40.10
C GLN A 115 -15.17 -15.75 -41.30
N GLU A 116 -14.23 -15.00 -41.89
CA GLU A 116 -13.45 -15.52 -43.03
CA GLU A 116 -13.45 -15.52 -43.02
C GLU A 116 -12.63 -16.75 -42.63
N SER A 117 -12.06 -16.73 -41.45
CA SER A 117 -11.26 -17.87 -40.94
CA SER A 117 -11.26 -17.86 -40.96
C SER A 117 -12.16 -19.08 -40.72
N LEU A 118 -13.39 -18.86 -40.25
CA LEU A 118 -14.32 -19.99 -40.10
C LEU A 118 -14.56 -20.62 -41.47
N ARG A 119 -14.84 -19.78 -42.46
CA ARG A 119 -15.09 -20.26 -43.84
C ARG A 119 -13.93 -21.02 -44.44
N GLU A 120 -12.71 -20.51 -44.27
CA GLU A 120 -11.50 -21.22 -44.66
C GLU A 120 -11.27 -22.55 -43.93
N GLU A 121 -11.51 -22.60 -42.61
CA GLU A 121 -11.49 -23.84 -41.81
C GLU A 121 -12.52 -24.88 -42.29
N ASN A 122 -13.54 -24.40 -42.98
CA ASN A 122 -14.48 -25.26 -43.71
C ASN A 122 -14.13 -25.35 -45.21
N GLU A 123 -12.82 -25.39 -45.49
CA GLU A 123 -12.17 -25.43 -46.81
C GLU A 123 -12.88 -26.24 -47.84
N LYS A 147 8.58 -19.10 -45.20
CA LYS A 147 8.76 -19.01 -46.67
C LYS A 147 7.68 -18.10 -47.35
N GLY A 148 6.41 -18.23 -47.01
CA GLY A 148 5.36 -17.29 -47.52
C GLY A 148 5.00 -17.60 -48.96
N PRO A 149 4.45 -16.63 -49.72
CA PRO A 149 4.12 -15.23 -49.50
C PRO A 149 3.14 -15.02 -48.34
N PHE A 150 3.31 -13.94 -47.61
CA PHE A 150 2.42 -13.66 -46.49
C PHE A 150 1.25 -12.75 -46.78
N LYS A 151 0.18 -12.99 -46.04
CA LYS A 151 -1.00 -12.17 -46.05
C LYS A 151 -0.74 -10.90 -45.21
N THR A 152 -1.52 -9.88 -45.47
CA THR A 152 -1.50 -8.64 -44.71
C THR A 152 -2.61 -8.69 -43.66
N ILE A 153 -2.35 -8.20 -42.45
CA ILE A 153 -3.35 -8.02 -41.42
C ILE A 153 -3.24 -6.60 -40.84
N LYS A 154 -4.29 -6.19 -40.14
CA LYS A 154 -4.34 -4.91 -39.52
C LYS A 154 -4.53 -5.08 -38.00
N PHE A 155 -3.80 -4.28 -37.24
CA PHE A 155 -3.73 -4.33 -35.74
C PHE A 155 -4.16 -2.94 -35.27
N GLY A 156 -5.24 -2.86 -34.48
CA GLY A 156 -5.70 -1.59 -33.89
C GLY A 156 -5.01 -1.29 -32.61
N THR A 157 -4.20 -0.24 -32.59
CA THR A 157 -3.33 -0.03 -31.45
C THR A 157 -3.50 1.39 -30.88
N ASN A 158 -3.02 1.59 -29.67
CA ASN A 158 -2.96 2.89 -29.04
C ASN A 158 -4.27 3.64 -29.00
N ILE A 159 -5.35 2.93 -28.70
CA ILE A 159 -6.67 3.56 -28.61
C ILE A 159 -6.76 4.28 -27.26
N ASP A 160 -7.07 5.57 -27.28
CA ASP A 160 -6.94 6.43 -26.11
C ASP A 160 -8.17 6.37 -25.23
N LEU A 161 -8.06 5.72 -24.07
CA LEU A 161 -9.17 5.66 -23.11
C LEU A 161 -9.02 6.66 -21.94
N SER A 162 -8.46 7.84 -22.22
CA SER A 162 -8.23 8.82 -21.15
C SER A 162 -9.47 9.56 -20.67
N ASP A 163 -10.46 9.71 -21.54
CA ASP A 163 -11.54 10.63 -21.25
C ASP A 163 -12.59 9.95 -20.36
N ASN A 164 -12.67 10.39 -19.12
CA ASN A 164 -13.58 9.76 -18.16
C ASN A 164 -15.03 9.96 -18.46
N LYS A 165 -15.36 10.96 -19.28
CA LYS A 165 -16.75 11.21 -19.65
C LYS A 165 -17.15 10.29 -20.79
N LYS A 166 -16.18 9.74 -21.52
CA LYS A 166 -16.46 8.78 -22.60
C LYS A 166 -16.37 7.33 -22.16
N TRP A 167 -15.57 7.05 -21.13
CA TRP A 167 -15.25 5.71 -20.71
C TRP A 167 -15.45 5.50 -19.20
N LYS A 168 -16.48 6.14 -18.65
CA LYS A 168 -16.72 6.16 -17.20
C LYS A 168 -16.76 4.77 -16.60
N LEU A 169 -17.57 3.87 -17.19
CA LEU A 169 -17.78 2.55 -16.62
C LEU A 169 -16.53 1.68 -16.78
N GLN A 170 -15.85 1.85 -17.91
CA GLN A 170 -14.60 1.14 -18.18
C GLN A 170 -13.52 1.48 -17.14
N LEU A 171 -13.31 2.76 -16.90
CA LEU A 171 -12.23 3.20 -16.02
C LEU A 171 -12.62 2.88 -14.59
N HIS A 172 -13.91 2.96 -14.28
CA HIS A 172 -14.38 2.62 -12.93
C HIS A 172 -14.06 1.17 -12.61
N GLU A 173 -14.23 0.29 -13.58
CA GLU A 173 -13.97 -1.15 -13.35
C GLU A 173 -12.51 -1.42 -12.92
N LEU A 174 -11.58 -0.65 -13.47
CA LEU A 174 -10.18 -0.83 -13.17
C LEU A 174 -9.77 -0.32 -11.78
N THR A 175 -10.63 0.43 -11.12
CA THR A 175 -10.40 0.81 -9.71
C THR A 175 -10.60 -0.39 -8.78
N LYS A 176 -11.08 -1.52 -9.28
CA LYS A 176 -11.20 -2.74 -8.48
C LYS A 176 -9.90 -3.48 -8.30
N LEU A 177 -8.91 -3.16 -9.12
CA LEU A 177 -7.57 -3.73 -8.98
C LEU A 177 -6.93 -3.39 -7.62
N PRO A 178 -6.01 -4.24 -7.14
CA PRO A 178 -5.23 -3.85 -6.03
C PRO A 178 -4.46 -2.57 -6.33
N ALA A 179 -4.21 -1.79 -5.28
CA ALA A 179 -3.67 -0.45 -5.44
C ALA A 179 -2.40 -0.43 -6.30
N PHE A 180 -1.49 -1.39 -6.06
CA PHE A 180 -0.21 -1.33 -6.76
C PHE A 180 -0.28 -1.39 -8.30
N ALA A 181 -1.36 -1.98 -8.83
CA ALA A 181 -1.55 -2.11 -10.25
C ALA A 181 -2.53 -1.08 -10.86
N ARG A 182 -3.10 -0.20 -10.06
CA ARG A 182 -4.04 0.78 -10.57
C ARG A 182 -3.40 1.82 -11.48
N VAL A 183 -4.21 2.42 -12.31
CA VAL A 183 -3.75 3.54 -13.16
C VAL A 183 -3.37 4.73 -12.29
N VAL A 184 -4.14 4.95 -11.19
CA VAL A 184 -3.91 6.00 -10.25
C VAL A 184 -3.72 5.44 -8.86
N SER A 185 -2.57 5.72 -8.22
CA SER A 185 -2.39 5.37 -6.78
C SER A 185 -1.30 6.16 -6.10
N ALA A 186 -1.36 6.23 -4.77
CA ALA A 186 -0.38 7.02 -4.00
C ALA A 186 1.02 6.45 -4.13
N GLY A 187 1.12 5.17 -4.44
CA GLY A 187 2.42 4.51 -4.60
C GLY A 187 2.96 4.42 -6.03
N ASN A 188 2.36 5.18 -6.92
CA ASN A 188 2.72 5.19 -8.32
C ASN A 188 3.38 6.54 -8.67
N LEU A 189 4.65 6.51 -9.04
CA LEU A 189 5.36 7.73 -9.44
C LEU A 189 4.63 8.48 -10.53
N LEU A 190 3.96 7.77 -11.44
CA LEU A 190 3.20 8.46 -12.52
C LEU A 190 1.97 9.24 -12.04
N THR A 191 1.49 8.91 -10.83
CA THR A 191 0.47 9.70 -10.18
C THR A 191 1.11 11.01 -9.64
N HIS A 192 2.35 10.92 -9.20
CA HIS A 192 3.06 12.10 -8.67
C HIS A 192 3.63 13.04 -9.69
N VAL A 193 3.64 12.65 -10.96
CA VAL A 193 3.93 13.60 -12.06
C VAL A 193 3.01 14.82 -11.93
N GLY A 194 1.73 14.57 -11.64
CA GLY A 194 0.77 15.67 -11.42
C GLY A 194 0.06 16.16 -12.67
N HIS A 195 0.27 15.51 -13.81
CA HIS A 195 -0.45 15.79 -15.04
C HIS A 195 -0.48 14.54 -15.93
N THR A 196 -1.30 14.56 -16.98
CA THR A 196 -1.47 13.45 -17.89
C THR A 196 -0.27 13.23 -18.79
N ILE A 197 0.14 11.96 -18.85
CA ILE A 197 1.02 11.45 -19.86
C ILE A 197 0.27 10.38 -20.60
N LEU A 198 -0.17 10.68 -21.82
CA LEU A 198 -1.08 9.76 -22.52
C LEU A 198 -0.49 8.37 -22.72
N GLY A 199 -1.24 7.36 -22.35
CA GLY A 199 -0.88 5.96 -22.47
C GLY A 199 -0.03 5.44 -21.35
N MET A 200 0.43 6.34 -20.48
CA MET A 200 1.21 5.92 -19.31
C MET A 200 0.35 6.00 -18.07
N ASN A 201 -0.12 7.20 -17.68
CA ASN A 201 -1.02 7.28 -16.58
C ASN A 201 -2.47 7.44 -17.10
N THR A 202 -2.70 7.04 -18.34
CA THR A 202 -4.05 6.85 -18.88
C THR A 202 -4.05 5.49 -19.64
N VAL A 203 -5.23 4.88 -19.79
CA VAL A 203 -5.36 3.53 -20.34
C VAL A 203 -5.33 3.59 -21.88
N GLN A 204 -4.60 2.65 -22.42
CA GLN A 204 -4.60 2.36 -23.85
C GLN A 204 -5.26 1.02 -24.15
N LEU A 205 -6.01 1.00 -25.24
CA LEU A 205 -6.69 -0.22 -25.65
C LEU A 205 -6.14 -0.68 -26.99
N TYR A 206 -6.15 -1.99 -27.20
CA TYR A 206 -5.59 -2.66 -28.38
C TYR A 206 -6.69 -3.60 -28.86
N MET A 207 -6.99 -3.55 -30.16
CA MET A 207 -7.97 -4.44 -30.76
C MET A 207 -7.20 -5.27 -31.79
N LYS A 208 -7.28 -6.60 -31.66
CA LYS A 208 -6.41 -7.49 -32.40
C LYS A 208 -7.08 -8.58 -33.23
N VAL A 209 -6.34 -9.00 -34.26
CA VAL A 209 -6.60 -10.24 -34.99
C VAL A 209 -5.35 -11.11 -34.90
N PRO A 210 -5.49 -12.43 -35.17
CA PRO A 210 -4.34 -13.30 -35.11
C PRO A 210 -3.14 -12.74 -35.91
N GLY A 211 -1.99 -12.76 -35.26
CA GLY A 211 -0.72 -12.25 -35.81
C GLY A 211 -0.41 -10.79 -35.55
N SER A 212 -1.35 -10.05 -34.97
CA SER A 212 -1.13 -8.66 -34.61
C SER A 212 0.07 -8.58 -33.62
N ARG A 213 1.13 -7.84 -34.01
CA ARG A 213 2.38 -7.80 -33.27
C ARG A 213 2.70 -6.45 -32.73
N THR A 214 3.12 -6.46 -31.47
CA THR A 214 3.80 -5.32 -30.86
C THR A 214 5.27 -5.66 -30.83
N PRO A 215 6.06 -4.94 -31.64
CA PRO A 215 7.48 -5.31 -31.78
C PRO A 215 8.29 -4.94 -30.56
N GLY A 216 9.56 -5.29 -30.60
CA GLY A 216 10.36 -5.22 -29.42
C GLY A 216 10.55 -3.83 -28.90
N HIS A 217 10.45 -3.69 -27.59
CA HIS A 217 10.64 -2.40 -26.96
C HIS A 217 10.83 -2.55 -25.44
N GLN A 218 11.34 -1.48 -24.85
CA GLN A 218 11.17 -1.22 -23.44
C GLN A 218 10.12 -0.13 -23.32
N GLU A 219 9.48 -0.07 -22.17
CA GLU A 219 8.48 0.95 -21.92
C GLU A 219 9.15 2.34 -21.90
N ASN A 220 8.36 3.34 -22.12
CA ASN A 220 8.82 4.74 -22.05
C ASN A 220 9.44 4.95 -20.65
N ASN A 221 10.66 5.50 -20.65
CA ASN A 221 11.44 5.73 -19.47
C ASN A 221 11.52 4.52 -18.52
N ASN A 222 11.44 3.30 -19.09
CA ASN A 222 11.59 2.07 -18.36
C ASN A 222 10.59 1.89 -17.22
N PHE A 223 9.40 2.47 -17.33
CA PHE A 223 8.37 2.27 -16.34
C PHE A 223 7.73 0.89 -16.48
N CYS A 224 7.22 0.34 -15.39
CA CYS A 224 6.51 -0.93 -15.47
C CYS A 224 5.27 -0.76 -16.33
N SER A 225 4.81 -1.87 -16.87
CA SER A 225 3.58 -1.92 -17.61
CA SER A 225 3.57 -1.90 -17.60
C SER A 225 2.64 -2.98 -17.04
N VAL A 226 1.35 -2.71 -17.11
CA VAL A 226 0.28 -3.62 -16.73
C VAL A 226 -0.56 -3.86 -17.98
N ASN A 227 -0.86 -5.14 -18.29
CA ASN A 227 -1.61 -5.50 -19.47
C ASN A 227 -2.62 -6.57 -19.11
N ILE A 228 -3.88 -6.31 -19.42
CA ILE A 228 -4.92 -7.32 -19.20
C ILE A 228 -5.48 -7.71 -20.55
N ASN A 229 -5.55 -9.01 -20.79
CA ASN A 229 -6.18 -9.56 -22.01
C ASN A 229 -7.66 -9.71 -21.78
N ILE A 230 -8.42 -9.05 -22.64
CA ILE A 230 -9.88 -9.04 -22.61
C ILE A 230 -10.42 -10.35 -23.15
N GLY A 231 -9.66 -10.97 -24.04
CA GLY A 231 -10.13 -12.14 -24.77
C GLY A 231 -10.98 -11.73 -25.98
N PRO A 232 -11.61 -12.72 -26.63
CA PRO A 232 -11.73 -14.10 -26.18
C PRO A 232 -10.51 -14.94 -26.49
N GLY A 233 -9.62 -14.46 -27.36
CA GLY A 233 -8.41 -15.19 -27.71
C GLY A 233 -7.20 -14.90 -26.80
N ASP A 234 -6.11 -15.60 -27.08
CA ASP A 234 -4.91 -15.55 -26.30
C ASP A 234 -3.84 -14.64 -26.99
N CYS A 235 -2.87 -14.21 -26.19
CA CYS A 235 -1.64 -13.53 -26.65
C CYS A 235 -0.43 -14.30 -26.23
N GLU A 236 0.59 -14.23 -27.04
CA GLU A 236 1.85 -14.87 -26.75
C GLU A 236 2.89 -13.77 -26.54
N TRP A 237 3.59 -13.87 -25.41
CA TRP A 237 4.57 -12.90 -24.99
C TRP A 237 5.98 -13.48 -25.01
N PHE A 238 6.93 -12.61 -25.35
CA PHE A 238 8.37 -12.88 -25.35
C PHE A 238 9.06 -11.80 -24.52
N VAL A 239 9.87 -12.21 -23.56
CA VAL A 239 10.44 -11.30 -22.59
C VAL A 239 11.91 -11.59 -22.39
N VAL A 240 12.66 -10.49 -22.31
CA VAL A 240 14.10 -10.54 -22.04
C VAL A 240 14.41 -9.62 -20.86
N PRO A 241 15.22 -10.10 -19.86
CA PRO A 241 15.46 -9.23 -18.73
C PRO A 241 16.19 -7.93 -19.09
N GLU A 242 15.97 -6.92 -18.26
CA GLU A 242 16.51 -5.58 -18.48
C GLU A 242 18.01 -5.62 -18.67
N ASP A 243 18.70 -6.47 -17.91
CA ASP A 243 20.17 -6.42 -17.95
C ASP A 243 20.78 -6.98 -19.25
N TYR A 244 19.95 -7.49 -20.16
CA TYR A 244 20.39 -7.89 -21.49
C TYR A 244 20.03 -6.89 -22.57
N TRP A 245 19.46 -5.72 -22.22
CA TRP A 245 18.99 -4.78 -23.26
C TRP A 245 20.13 -4.26 -24.16
N GLY A 246 21.31 -4.10 -23.59
CA GLY A 246 22.51 -3.70 -24.36
C GLY A 246 22.81 -4.69 -25.48
N VAL A 247 22.58 -6.00 -25.22
CA VAL A 247 22.82 -7.02 -26.25
C VAL A 247 21.88 -6.82 -27.41
N LEU A 248 20.60 -6.53 -27.11
CA LEU A 248 19.61 -6.31 -28.14
C LEU A 248 19.81 -4.97 -28.84
N ASN A 249 20.21 -3.95 -28.09
CA ASN A 249 20.65 -2.70 -28.74
C ASN A 249 21.78 -2.93 -29.76
N ASP A 250 22.76 -3.72 -29.36
CA ASP A 250 23.88 -4.06 -30.27
C ASP A 250 23.40 -4.76 -31.52
N PHE A 251 22.55 -5.77 -31.37
CA PHE A 251 21.93 -6.46 -32.54
C PHE A 251 21.21 -5.48 -33.49
N CYS A 252 20.46 -4.55 -32.92
CA CYS A 252 19.77 -3.52 -33.73
C CYS A 252 20.76 -2.71 -34.53
N GLU A 253 21.82 -2.24 -33.87
CA GLU A 253 22.82 -1.45 -34.54
C GLU A 253 23.54 -2.24 -35.62
N LYS A 254 23.83 -3.52 -35.36
CA LYS A 254 24.57 -4.32 -36.35
C LYS A 254 23.71 -4.53 -37.58
N ASN A 255 22.41 -4.31 -37.44
CA ASN A 255 21.45 -4.57 -38.48
C ASN A 255 20.77 -3.30 -38.97
N ASN A 256 21.42 -2.16 -38.77
CA ASN A 256 20.89 -0.90 -39.27
C ASN A 256 19.48 -0.56 -38.75
N LEU A 257 19.27 -0.81 -37.46
CA LEU A 257 17.98 -0.55 -36.85
C LEU A 257 18.19 0.37 -35.64
N ASN A 258 17.24 1.22 -35.38
CA ASN A 258 17.24 2.03 -34.16
C ASN A 258 16.46 1.28 -33.09
N PHE A 259 17.15 0.89 -32.02
CA PHE A 259 16.55 0.13 -30.91
C PHE A 259 15.29 0.83 -30.42
N LEU A 260 15.38 2.14 -30.20
CA LEU A 260 14.29 2.87 -29.62
C LEU A 260 13.14 3.21 -30.58
N MET A 261 13.47 3.40 -31.84
CA MET A 261 12.54 4.00 -32.77
C MET A 261 12.11 3.06 -33.91
N SER A 262 12.87 2.04 -34.25
CA SER A 262 12.47 1.12 -35.34
C SER A 262 11.60 -0.02 -34.84
N SER A 263 10.88 -0.63 -35.78
CA SER A 263 10.13 -1.86 -35.51
C SER A 263 10.98 -3.08 -35.78
N TRP A 264 11.24 -3.86 -34.73
CA TRP A 264 12.00 -5.06 -34.86
C TRP A 264 11.40 -6.21 -34.05
N TRP A 265 11.61 -7.40 -34.57
CA TRP A 265 11.11 -8.64 -34.00
C TRP A 265 12.29 -9.60 -33.90
N PRO A 266 12.77 -9.85 -32.68
CA PRO A 266 14.01 -10.60 -32.57
C PRO A 266 13.93 -12.01 -33.14
N ASN A 267 15.03 -12.40 -33.78
CA ASN A 267 15.23 -13.80 -34.17
C ASN A 267 15.69 -14.61 -32.96
N LEU A 268 14.87 -15.54 -32.49
CA LEU A 268 15.19 -16.27 -31.27
C LEU A 268 16.48 -17.05 -31.36
N GLU A 269 16.84 -17.53 -32.55
CA GLU A 269 18.10 -18.28 -32.72
C GLU A 269 19.31 -17.36 -32.50
N ASP A 270 19.21 -16.10 -32.94
CA ASP A 270 20.25 -15.09 -32.61
C ASP A 270 20.42 -14.89 -31.10
N LEU A 271 19.29 -14.78 -30.41
CA LEU A 271 19.30 -14.56 -28.96
C LEU A 271 19.90 -15.76 -28.26
N TYR A 272 19.50 -16.96 -28.68
CA TYR A 272 19.99 -18.17 -28.06
C TYR A 272 21.49 -18.27 -28.29
N GLU A 273 21.92 -18.03 -29.52
CA GLU A 273 23.36 -17.99 -29.85
C GLU A 273 24.12 -16.99 -29.00
N ALA A 274 23.51 -15.85 -28.67
CA ALA A 274 24.14 -14.81 -27.83
C ALA A 274 23.99 -15.04 -26.33
N ASN A 275 23.46 -16.20 -25.92
CA ASN A 275 23.25 -16.52 -24.51
C ASN A 275 22.30 -15.56 -23.79
N VAL A 276 21.26 -15.12 -24.51
CA VAL A 276 20.25 -14.24 -23.92
C VAL A 276 19.02 -15.06 -23.56
N PRO A 277 18.65 -15.10 -22.28
CA PRO A 277 17.47 -15.88 -21.93
C PRO A 277 16.19 -15.20 -22.41
N VAL A 278 15.22 -16.01 -22.83
CA VAL A 278 13.95 -15.51 -23.32
C VAL A 278 12.89 -16.25 -22.52
N TYR A 279 12.03 -15.48 -21.87
CA TYR A 279 10.84 -15.99 -21.22
C TYR A 279 9.73 -15.95 -22.27
N ARG A 280 8.94 -16.97 -22.35
CA ARG A 280 7.96 -17.04 -23.32
C ARG A 280 6.73 -17.65 -22.68
N PHE A 281 5.56 -17.07 -22.92
CA PHE A 281 4.33 -17.54 -22.27
C PHE A 281 3.06 -17.07 -22.95
N ILE A 282 1.96 -17.73 -22.60
CA ILE A 282 0.64 -17.38 -23.14
C ILE A 282 -0.17 -16.61 -22.09
N GLN A 283 -0.76 -15.50 -22.50
CA GLN A 283 -1.67 -14.73 -21.67
C GLN A 283 -3.11 -14.97 -22.14
N ARG A 284 -3.92 -15.56 -21.26
CA ARG A 284 -5.26 -15.96 -21.56
C ARG A 284 -6.17 -14.84 -21.14
N PRO A 285 -7.41 -14.87 -21.61
CA PRO A 285 -8.34 -13.83 -21.14
C PRO A 285 -8.43 -13.76 -19.63
N GLY A 286 -8.31 -12.55 -19.10
CA GLY A 286 -8.41 -12.28 -17.68
C GLY A 286 -7.06 -12.39 -16.98
N ASP A 287 -6.02 -12.81 -17.67
CA ASP A 287 -4.66 -12.75 -17.10
C ASP A 287 -4.08 -11.36 -17.16
N LEU A 288 -3.40 -10.96 -16.09
CA LEU A 288 -2.70 -9.68 -16.03
C LEU A 288 -1.23 -9.93 -16.14
N VAL A 289 -0.59 -9.22 -17.07
CA VAL A 289 0.86 -9.32 -17.25
C VAL A 289 1.49 -8.04 -16.65
N TRP A 290 2.38 -8.25 -15.70
CA TRP A 290 3.20 -7.18 -15.09
C TRP A 290 4.60 -7.23 -15.69
N ILE A 291 4.92 -6.23 -16.50
CA ILE A 291 6.22 -6.08 -17.12
C ILE A 291 7.05 -5.19 -16.17
N ASN A 292 8.10 -5.75 -15.60
CA ASN A 292 8.87 -5.05 -14.60
C ASN A 292 9.73 -3.98 -15.27
N ALA A 293 10.37 -3.14 -14.45
CA ALA A 293 11.09 -2.00 -14.98
C ALA A 293 12.21 -2.34 -15.95
N GLY A 294 12.13 -1.81 -17.17
CA GLY A 294 13.20 -2.01 -18.15
C GLY A 294 13.20 -3.36 -18.87
N THR A 295 12.23 -4.22 -18.55
CA THR A 295 12.12 -5.53 -19.22
C THR A 295 11.81 -5.33 -20.72
N VAL A 296 12.55 -6.00 -21.56
CA VAL A 296 12.37 -5.90 -22.99
C VAL A 296 11.30 -6.95 -23.40
N HIS A 297 10.36 -6.58 -24.26
CA HIS A 297 9.28 -7.50 -24.58
C HIS A 297 8.70 -7.21 -25.96
N TRP A 298 8.11 -8.27 -26.53
CA TRP A 298 7.38 -8.22 -27.80
C TRP A 298 6.26 -9.28 -27.69
N VAL A 299 5.16 -8.99 -28.35
CA VAL A 299 3.86 -9.69 -28.13
C VAL A 299 3.20 -9.95 -29.48
N GLN A 300 2.52 -11.08 -29.60
CA GLN A 300 1.69 -11.32 -30.74
C GLN A 300 0.36 -11.96 -30.32
N ALA A 301 -0.73 -11.53 -30.95
CA ALA A 301 -2.01 -12.16 -30.74
C ALA A 301 -1.99 -13.55 -31.38
N VAL A 302 -2.48 -14.55 -30.65
CA VAL A 302 -2.65 -15.90 -31.20
C VAL A 302 -4.07 -15.98 -31.78
N GLY A 303 -5.05 -15.39 -31.10
CA GLY A 303 -6.46 -15.40 -31.49
C GLY A 303 -6.96 -13.99 -31.70
N TRP A 304 -8.29 -13.82 -31.70
CA TRP A 304 -8.94 -12.53 -31.80
C TRP A 304 -9.15 -12.07 -30.38
N CYS A 305 -8.60 -10.91 -30.04
CA CYS A 305 -8.78 -10.42 -28.67
C CYS A 305 -8.57 -8.93 -28.61
N ASN A 306 -9.01 -8.32 -27.51
CA ASN A 306 -8.60 -6.94 -27.14
C ASN A 306 -7.69 -7.01 -25.91
N ASN A 307 -6.84 -6.01 -25.75
CA ASN A 307 -6.06 -5.85 -24.51
C ASN A 307 -6.15 -4.42 -24.01
N ILE A 308 -5.97 -4.24 -22.70
CA ILE A 308 -5.80 -2.91 -22.11
C ILE A 308 -4.46 -2.83 -21.42
N ALA A 309 -3.85 -1.66 -21.41
CA ALA A 309 -2.54 -1.52 -20.76
C ALA A 309 -2.30 -0.11 -20.33
N TRP A 310 -1.41 0.02 -19.36
CA TRP A 310 -0.99 1.35 -18.88
C TRP A 310 0.33 1.14 -18.18
N ASN A 311 0.96 2.21 -17.72
CA ASN A 311 2.21 2.09 -16.97
C ASN A 311 2.00 2.38 -15.52
N VAL A 312 2.91 1.87 -14.70
CA VAL A 312 2.97 2.19 -13.31
C VAL A 312 4.45 2.36 -12.92
N GLY A 313 4.72 3.23 -11.93
CA GLY A 313 6.06 3.42 -11.42
C GLY A 313 6.12 3.17 -9.93
N PRO A 314 6.48 1.92 -9.54
CA PRO A 314 6.61 1.68 -8.10
C PRO A 314 7.64 2.57 -7.46
N LEU A 315 7.44 2.88 -6.18
CA LEU A 315 8.44 3.70 -5.49
C LEU A 315 9.57 2.83 -5.03
N THR A 316 10.43 2.42 -5.94
CA THR A 316 11.59 1.63 -5.59
C THR A 316 12.82 2.26 -6.18
N ALA A 317 13.97 2.01 -5.54
CA ALA A 317 15.24 2.48 -6.08
C ALA A 317 15.44 2.01 -7.52
N CYS A 318 15.15 0.73 -7.75
CA CYS A 318 15.33 0.15 -9.08
C CYS A 318 14.51 0.92 -10.13
N GLN A 319 13.21 1.19 -9.86
CA GLN A 319 12.38 1.91 -10.86
C GLN A 319 12.96 3.30 -11.13
N TYR A 320 13.35 3.99 -10.06
CA TYR A 320 13.81 5.38 -10.23
C TYR A 320 15.13 5.41 -10.99
N LYS A 321 16.04 4.51 -10.64
CA LYS A 321 17.32 4.40 -11.31
C LYS A 321 17.19 4.15 -12.81
N LEU A 322 16.36 3.17 -13.15
CA LEU A 322 16.15 2.84 -14.56
C LEU A 322 15.44 3.92 -15.36
N ALA A 323 14.54 4.67 -14.71
CA ALA A 323 13.84 5.78 -15.35
C ALA A 323 14.83 6.90 -15.63
N VAL A 324 15.69 7.21 -14.67
CA VAL A 324 16.74 8.20 -14.86
C VAL A 324 17.73 7.81 -15.93
N GLU A 325 18.15 6.55 -15.90
CA GLU A 325 19.08 6.06 -16.94
C GLU A 325 18.53 6.25 -18.35
N ARG A 326 17.27 5.86 -18.55
CA ARG A 326 16.64 5.97 -19.88
C ARG A 326 16.36 7.42 -20.25
N TYR A 327 15.99 8.23 -19.27
CA TYR A 327 15.93 9.70 -19.45
C TYR A 327 17.22 10.27 -20.02
N GLU A 328 18.35 9.86 -19.47
CA GLU A 328 19.64 10.35 -19.98
C GLU A 328 20.01 9.75 -21.36
N TRP A 329 19.75 8.46 -21.55
CA TRP A 329 20.03 7.78 -22.81
C TRP A 329 19.21 8.41 -23.94
N ASN A 330 17.95 8.71 -23.67
CA ASN A 330 17.07 9.38 -24.61
C ASN A 330 17.66 10.70 -25.09
N LYS A 331 18.26 11.46 -24.18
CA LYS A 331 18.93 12.69 -24.63
C LYS A 331 20.03 12.40 -25.62
N LEU A 332 20.86 11.42 -25.34
CA LEU A 332 21.97 11.02 -26.26
C LEU A 332 21.48 10.55 -27.61
N LYS A 333 20.27 9.98 -27.65
CA LYS A 333 19.70 9.48 -28.87
C LYS A 333 18.74 10.45 -29.54
N SER A 334 18.63 11.66 -29.01
CA SER A 334 17.67 12.66 -29.50
C SER A 334 16.24 12.18 -29.57
N VAL A 335 15.79 11.50 -28.52
CA VAL A 335 14.43 10.98 -28.46
C VAL A 335 13.79 11.67 -27.26
N LYS A 336 12.56 12.17 -27.40
CA LYS A 336 11.85 12.79 -26.26
C LYS A 336 11.53 11.79 -25.15
N SER A 337 11.75 12.18 -23.88
CA SER A 337 11.30 11.38 -22.72
C SER A 337 9.83 11.74 -22.40
N PRO A 338 8.91 10.75 -22.48
CA PRO A 338 7.55 11.15 -22.11
C PRO A 338 7.39 11.47 -20.63
N VAL A 339 8.29 10.96 -19.78
CA VAL A 339 8.22 11.23 -18.38
C VAL A 339 9.25 12.30 -18.00
N PRO A 340 8.75 13.46 -17.52
CA PRO A 340 9.68 14.59 -17.18
C PRO A 340 10.35 14.33 -15.84
N MET A 341 11.49 13.65 -15.88
CA MET A 341 12.10 13.20 -14.63
C MET A 341 12.56 14.35 -13.69
N VAL A 342 12.86 15.53 -14.24
CA VAL A 342 13.17 16.68 -13.38
C VAL A 342 11.95 17.15 -12.59
N HIS A 343 10.89 17.45 -13.31
CA HIS A 343 9.61 17.79 -12.70
C HIS A 343 9.19 16.76 -11.65
N LEU A 344 9.24 15.49 -12.04
CA LEU A 344 8.87 14.43 -11.14
C LEU A 344 9.72 14.36 -9.88
N SER A 345 11.04 14.51 -10.02
CA SER A 345 11.91 14.43 -8.87
C SER A 345 11.56 15.53 -7.85
N TRP A 346 11.33 16.75 -8.33
CA TRP A 346 10.86 17.85 -7.45
C TRP A 346 9.51 17.56 -6.78
N ASN A 347 8.54 17.02 -7.53
CA ASN A 347 7.30 16.61 -6.89
C ASN A 347 7.46 15.58 -5.80
N MET A 348 8.35 14.59 -6.03
CA MET A 348 8.68 13.59 -5.03
CA MET A 348 8.67 13.62 -5.00
C MET A 348 9.24 14.30 -3.77
N ALA A 349 10.21 15.18 -3.97
CA ALA A 349 10.78 15.88 -2.81
C ALA A 349 9.75 16.77 -2.09
N ARG A 350 8.85 17.39 -2.83
CA ARG A 350 7.81 18.24 -2.23
C ARG A 350 6.79 17.44 -1.47
N ASN A 351 6.43 16.28 -2.00
CA ASN A 351 5.20 15.61 -1.60
C ASN A 351 5.28 14.18 -1.07
N ILE A 352 6.41 13.49 -1.18
CA ILE A 352 6.48 12.09 -0.81
CA ILE A 352 6.47 12.08 -0.81
C ILE A 352 7.49 11.92 0.29
N LYS A 353 7.08 11.29 1.39
CA LYS A 353 8.00 10.96 2.45
C LYS A 353 8.64 9.67 1.99
N VAL A 354 9.93 9.70 1.77
CA VAL A 354 10.67 8.58 1.24
C VAL A 354 11.46 7.97 2.35
N SER A 355 11.25 6.66 2.55
CA SER A 355 11.81 5.92 3.67
C SER A 355 12.83 4.84 3.28
N ASP A 356 13.07 4.63 1.98
CA ASP A 356 14.13 3.70 1.57
C ASP A 356 15.42 4.47 1.37
N PRO A 357 16.48 4.15 2.14
CA PRO A 357 17.67 4.94 2.01
C PRO A 357 18.23 5.00 0.58
N LYS A 358 18.12 3.90 -0.17
CA LYS A 358 18.75 3.87 -1.49
C LYS A 358 17.99 4.77 -2.46
N LEU A 359 16.67 4.70 -2.42
CA LEU A 359 15.84 5.57 -3.27
C LEU A 359 16.00 7.02 -2.87
N PHE A 360 16.01 7.26 -1.56
CA PHE A 360 16.22 8.60 -1.05
C PHE A 360 17.53 9.19 -1.57
N GLU A 361 18.62 8.44 -1.47
CA GLU A 361 19.91 8.99 -1.88
C GLU A 361 19.94 9.27 -3.39
N MET A 362 19.25 8.45 -4.16
CA MET A 362 19.19 8.69 -5.61
C MET A 362 18.48 9.99 -5.94
N ILE A 363 17.31 10.20 -5.34
CA ILE A 363 16.52 11.42 -5.63
C ILE A 363 17.27 12.63 -5.13
N LYS A 364 17.87 12.53 -3.96
CA LYS A 364 18.62 13.62 -3.41
C LYS A 364 19.79 14.02 -4.32
N TYR A 365 20.50 13.01 -4.82
CA TYR A 365 21.62 13.19 -5.73
C TYR A 365 21.15 13.93 -7.01
N CYS A 366 20.06 13.49 -7.62
CA CYS A 366 19.53 14.12 -8.81
C CYS A 366 19.15 15.58 -8.55
N LEU A 367 18.48 15.84 -7.41
CA LEU A 367 18.03 17.18 -7.08
C LEU A 367 19.23 18.12 -6.93
N LEU A 368 20.31 17.62 -6.32
CA LEU A 368 21.49 18.45 -6.15
C LEU A 368 22.11 18.80 -7.52
N LYS A 369 22.13 17.85 -8.46
CA LYS A 369 22.62 18.12 -9.79
C LYS A 369 21.78 19.18 -10.49
N ILE A 370 20.47 19.08 -10.30
CA ILE A 370 19.53 19.99 -10.92
C ILE A 370 19.75 21.36 -10.38
N LEU A 371 19.79 21.48 -9.06
CA LEU A 371 20.02 22.73 -8.38
C LEU A 371 21.33 23.36 -8.79
N LYS A 372 22.43 22.60 -8.79
CA LYS A 372 23.72 23.20 -9.15
C LYS A 372 23.80 23.66 -10.60
N GLN A 373 23.20 22.92 -11.52
CA GLN A 373 23.21 23.33 -12.90
C GLN A 373 22.43 24.60 -13.09
N TYR A 374 21.29 24.66 -12.39
CA TYR A 374 20.42 25.85 -12.40
C TYR A 374 21.17 27.05 -11.83
N GLN A 375 21.81 26.87 -10.69
CA GLN A 375 22.62 27.98 -10.09
C GLN A 375 23.72 28.45 -11.00
N THR A 376 24.38 27.51 -11.68
CA THR A 376 25.45 27.84 -12.61
C THR A 376 24.96 28.66 -13.80
N LEU A 377 23.86 28.19 -14.39
CA LEU A 377 23.30 28.88 -15.52
C LEU A 377 22.76 30.27 -15.11
N ARG A 378 22.03 30.33 -14.01
CA ARG A 378 21.43 31.59 -13.58
C ARG A 378 22.50 32.65 -13.26
N GLU A 379 23.56 32.23 -12.57
CA GLU A 379 24.69 33.14 -12.32
C GLU A 379 25.38 33.60 -13.61
N ALA A 380 25.50 32.73 -14.60
CA ALA A 380 26.12 33.12 -15.90
C ALA A 380 25.27 34.14 -16.63
N LEU A 381 23.95 33.93 -16.63
CA LEU A 381 23.04 34.89 -17.22
C LEU A 381 23.14 36.27 -16.53
N VAL A 382 23.10 36.28 -15.21
CA VAL A 382 23.12 37.56 -14.50
C VAL A 382 24.48 38.26 -14.72
N ALA A 383 25.57 37.50 -14.67
CA ALA A 383 26.93 38.04 -14.88
C ALA A 383 27.12 38.60 -16.29
N ALA A 384 26.38 38.07 -17.25
CA ALA A 384 26.37 38.62 -18.58
C ALA A 384 25.39 39.79 -18.73
N GLY A 385 24.68 40.13 -17.67
CA GLY A 385 23.74 41.27 -17.69
C GLY A 385 22.39 40.93 -18.31
N LYS A 386 22.02 39.66 -18.36
CA LYS A 386 20.73 39.31 -18.90
C LYS A 386 19.73 39.30 -17.74
N GLU A 387 18.60 40.00 -17.90
CA GLU A 387 17.53 40.01 -16.90
C GLU A 387 16.88 38.62 -16.75
N VAL A 388 16.68 38.19 -15.52
CA VAL A 388 15.81 37.03 -15.28
C VAL A 388 14.46 37.55 -14.80
N ILE A 389 13.41 37.28 -15.57
CA ILE A 389 12.05 37.78 -15.29
C ILE A 389 11.28 36.82 -14.44
N TRP A 390 10.72 37.32 -13.32
CA TRP A 390 9.87 36.50 -12.50
C TRP A 390 8.53 36.17 -13.20
N HIS A 391 8.29 34.88 -13.43
CA HIS A 391 7.15 34.44 -14.25
C HIS A 391 6.19 33.59 -13.46
N GLY A 392 6.73 32.86 -12.50
CA GLY A 392 5.91 32.06 -11.62
C GLY A 392 5.29 30.92 -12.40
N ARG A 393 4.28 30.34 -11.79
CA ARG A 393 3.79 29.13 -12.31
C ARG A 393 2.33 28.99 -11.98
N THR A 394 1.50 28.53 -12.91
CA THR A 394 0.12 28.23 -12.65
C THR A 394 0.02 26.91 -11.94
N ASN A 395 -0.86 26.80 -10.94
CA ASN A 395 -0.96 25.56 -10.15
C ASN A 395 -1.17 24.36 -11.11
N ASP A 396 -0.44 23.25 -10.90
CA ASP A 396 -0.66 22.01 -11.73
C ASP A 396 -0.19 22.12 -13.20
N GLU A 397 0.49 23.21 -13.53
CA GLU A 397 1.00 23.38 -14.89
C GLU A 397 1.89 22.17 -15.21
N PRO A 398 1.77 21.61 -16.41
CA PRO A 398 2.68 20.50 -16.77
C PRO A 398 4.15 20.91 -16.88
N ALA A 399 5.05 19.92 -17.01
CA ALA A 399 6.44 20.16 -17.29
C ALA A 399 6.61 20.72 -18.71
N HIS A 400 7.70 21.42 -18.96
CA HIS A 400 7.98 22.02 -20.25
C HIS A 400 9.04 21.26 -21.00
N TYR A 401 8.91 21.18 -22.33
CA TYR A 401 9.99 20.65 -23.14
C TYR A 401 10.36 21.65 -24.22
N CYS A 402 11.62 21.63 -24.61
CA CYS A 402 12.09 22.56 -25.63
C CYS A 402 11.33 22.39 -26.97
N SER A 403 10.81 23.48 -27.52
CA SER A 403 10.02 23.40 -28.75
C SER A 403 10.87 22.95 -29.95
N ILE A 404 12.19 23.08 -29.88
CA ILE A 404 13.09 22.62 -30.95
C ILE A 404 13.61 21.21 -30.71
N CYS A 405 14.31 20.99 -29.61
CA CYS A 405 14.97 19.70 -29.39
C CYS A 405 14.22 18.73 -28.46
N GLU A 406 13.14 19.18 -27.81
CA GLU A 406 12.29 18.34 -26.98
C GLU A 406 12.95 17.81 -25.72
N VAL A 407 14.06 18.40 -25.29
CA VAL A 407 14.60 18.16 -23.96
C VAL A 407 13.70 18.80 -22.90
N GLU A 408 13.60 18.17 -21.73
CA GLU A 408 12.84 18.81 -20.65
C GLU A 408 13.55 20.13 -20.25
N VAL A 409 12.78 21.19 -20.02
CA VAL A 409 13.35 22.47 -19.59
C VAL A 409 12.75 22.81 -18.23
N PHE A 410 13.58 22.97 -17.22
CA PHE A 410 13.09 23.24 -15.85
C PHE A 410 13.48 24.60 -15.33
N ASN A 411 12.48 25.31 -14.90
CA ASN A 411 12.55 26.59 -14.18
C ASN A 411 12.84 27.80 -15.06
N LEU A 412 14.05 27.86 -15.58
CA LEU A 412 14.46 28.93 -16.50
C LEU A 412 14.03 28.57 -17.91
N LEU A 413 13.09 29.37 -18.44
CA LEU A 413 12.52 29.14 -19.76
C LEU A 413 13.05 30.22 -20.69
N PHE A 414 13.47 29.83 -21.89
CA PHE A 414 13.91 30.77 -22.90
C PHE A 414 12.82 30.94 -23.94
N VAL A 415 12.28 32.16 -23.99
CA VAL A 415 11.14 32.52 -24.81
C VAL A 415 11.52 33.72 -25.68
N THR A 416 11.12 33.70 -26.95
CA THR A 416 11.51 34.82 -27.83
C THR A 416 10.81 36.12 -27.35
N ASN A 417 11.41 37.25 -27.67
CA ASN A 417 10.78 38.54 -27.33
C ASN A 417 9.34 38.60 -27.86
N GLU A 418 9.12 38.03 -29.05
CA GLU A 418 7.83 38.10 -29.70
C GLU A 418 6.83 37.18 -29.03
N SER A 419 7.26 35.95 -28.72
CA SER A 419 6.38 35.01 -28.00
C SER A 419 6.06 35.53 -26.60
N ASN A 420 7.00 36.23 -25.99
CA ASN A 420 6.76 36.85 -24.69
C ASN A 420 5.69 37.95 -24.80
N THR A 421 5.85 38.83 -25.78
CA THR A 421 4.86 39.87 -26.03
C THR A 421 3.49 39.30 -26.34
N GLN A 422 3.44 38.22 -27.13
CA GLN A 422 2.16 37.64 -27.52
C GLN A 422 1.57 36.76 -26.40
N LYS A 423 2.37 36.49 -25.36
CA LYS A 423 1.98 35.63 -24.22
C LYS A 423 1.68 34.21 -24.65
N THR A 424 2.37 33.74 -25.68
CA THR A 424 2.35 32.35 -26.05
C THR A 424 3.41 31.57 -25.27
N TYR A 425 4.45 32.27 -24.82
CA TYR A 425 5.46 31.68 -23.95
C TYR A 425 5.98 30.33 -24.48
N ILE A 426 6.41 30.33 -25.72
CA ILE A 426 6.90 29.12 -26.39
C ILE A 426 8.31 28.80 -25.90
N VAL A 427 8.45 27.65 -25.25
CA VAL A 427 9.65 27.36 -24.51
C VAL A 427 10.79 26.82 -25.36
N HIS A 428 12.00 27.35 -25.10
CA HIS A 428 13.21 26.83 -25.64
C HIS A 428 14.11 26.52 -24.45
N CYS A 429 15.01 25.56 -24.64
CA CYS A 429 16.14 25.39 -23.75
C CYS A 429 17.22 26.43 -24.02
N HIS A 430 18.16 26.51 -23.09
CA HIS A 430 19.24 27.49 -23.24
C HIS A 430 20.06 27.23 -24.50
N ASP A 431 20.38 25.95 -24.77
CA ASP A 431 21.26 25.66 -25.92
C ASP A 431 20.60 26.07 -27.24
N CYS A 432 19.31 25.74 -27.37
CA CYS A 432 18.61 26.02 -28.61
C CYS A 432 18.43 27.54 -28.79
N ALA A 433 18.21 28.24 -27.70
CA ALA A 433 18.10 29.68 -27.75
C ALA A 433 19.42 30.31 -28.18
N ARG A 434 20.52 29.86 -27.59
CA ARG A 434 21.82 30.43 -27.90
CA ARG A 434 21.85 30.36 -27.91
C ARG A 434 22.27 30.08 -29.33
N LYS A 435 21.91 28.91 -29.82
CA LYS A 435 22.17 28.58 -31.25
C LYS A 435 21.49 29.57 -32.24
N THR A 436 20.28 30.00 -31.91
CA THR A 436 19.46 30.92 -32.70
C THR A 436 20.02 32.33 -32.53
N SER A 437 20.29 32.70 -31.27
CA SER A 437 20.55 34.08 -30.91
C SER A 437 21.79 34.12 -30.02
N LYS A 438 22.93 34.57 -30.56
CA LYS A 438 24.20 34.30 -29.90
C LYS A 438 24.30 34.90 -28.53
N SER A 439 23.79 36.11 -28.31
CA SER A 439 23.86 36.73 -26.99
C SER A 439 22.50 36.76 -26.33
N LEU A 440 21.59 35.92 -26.81
CA LEU A 440 20.21 35.87 -26.33
C LEU A 440 19.47 37.18 -26.48
N GLU A 441 19.94 38.00 -27.44
CA GLU A 441 19.30 39.28 -27.68
C GLU A 441 17.82 39.09 -28.14
N ASN A 442 17.50 37.93 -28.72
CA ASN A 442 16.15 37.64 -29.22
C ASN A 442 15.22 36.98 -28.18
N PHE A 443 15.74 36.79 -26.95
CA PHE A 443 15.03 36.02 -25.93
C PHE A 443 14.90 36.77 -24.62
N VAL A 444 13.85 36.40 -23.90
CA VAL A 444 13.75 36.74 -22.50
C VAL A 444 13.95 35.45 -21.73
N VAL A 445 14.38 35.58 -20.48
CA VAL A 445 14.53 34.42 -19.58
C VAL A 445 13.45 34.51 -18.51
N LEU A 446 12.61 33.51 -18.45
CA LEU A 446 11.51 33.49 -17.49
C LEU A 446 11.88 32.50 -16.39
N GLU A 447 11.54 32.84 -15.15
CA GLU A 447 11.87 32.00 -13.99
C GLU A 447 10.57 31.61 -13.31
N GLN A 448 10.35 30.32 -13.14
CA GLN A 448 9.08 29.82 -12.58
C GLN A 448 9.15 29.56 -11.08
N TYR A 449 10.36 29.37 -10.51
CA TYR A 449 10.53 29.10 -9.08
C TYR A 449 11.68 29.92 -8.55
N LYS A 450 11.51 30.53 -7.37
CA LYS A 450 12.61 31.23 -6.73
C LYS A 450 13.67 30.27 -6.21
N MET A 451 14.94 30.66 -6.35
CA MET A 451 16.04 29.83 -5.88
C MET A 451 15.81 29.43 -4.42
N GLU A 452 15.41 30.38 -3.60
CA GLU A 452 15.30 30.11 -2.14
C GLU A 452 14.22 29.05 -1.84
N ASP A 453 13.20 29.02 -2.67
CA ASP A 453 12.13 28.07 -2.53
C ASP A 453 12.56 26.62 -2.93
N LEU A 454 13.32 26.49 -4.02
CA LEU A 454 13.91 25.21 -4.41
C LEU A 454 14.97 24.71 -3.39
N ILE A 455 15.80 25.62 -2.87
CA ILE A 455 16.77 25.24 -1.85
C ILE A 455 16.05 24.72 -0.61
N GLN A 456 14.98 25.39 -0.21
CA GLN A 456 14.23 24.93 0.96
C GLN A 456 13.61 23.55 0.75
N VAL A 457 13.04 23.30 -0.42
CA VAL A 457 12.50 21.99 -0.74
C VAL A 457 13.61 20.93 -0.64
N TYR A 458 14.77 21.23 -1.20
CA TYR A 458 15.91 20.32 -1.16
C TYR A 458 16.40 20.07 0.27
N ASP A 459 16.56 21.14 1.04
CA ASP A 459 17.04 21.05 2.41
C ASP A 459 16.08 20.27 3.28
N GLN A 460 14.78 20.42 3.02
CA GLN A 460 13.75 19.76 3.85
C GLN A 460 13.42 18.34 3.38
N PHE A 461 14.06 17.90 2.31
CA PHE A 461 13.87 16.57 1.80
C PHE A 461 14.91 15.70 2.51
N THR A 462 14.47 15.03 3.56
CA THR A 462 15.32 14.13 4.32
C THR A 462 14.66 12.76 4.49
N LEU A 463 15.47 11.79 4.85
CA LEU A 463 15.01 10.41 4.91
C LEU A 463 14.03 10.24 6.07
N ALA A 464 12.84 9.75 5.76
CA ALA A 464 11.85 9.42 6.77
C ALA A 464 12.14 8.01 7.34
N LEU A 465 11.84 7.82 8.58
CA LEU A 465 12.01 6.53 9.21
C LEU A 465 10.82 5.61 8.91
N SER A 466 11.08 4.46 8.31
CA SER A 466 10.10 3.36 8.29
C SER A 466 10.78 2.12 8.84
N LEU A 467 10.06 1.38 9.65
CA LEU A 467 10.56 0.09 10.12
C LEU A 467 10.31 -1.07 9.15
N SER A 468 9.65 -0.80 8.02
CA SER A 468 9.33 -1.86 7.04
C SER A 468 10.58 -2.26 6.26
N SER A 469 10.62 -3.39 5.78
N ASP B 5 -19.47 -25.18 4.02
CA ASP B 5 -18.15 -25.77 4.38
C ASP B 5 -17.11 -24.67 4.68
N LYS B 6 -16.21 -24.41 3.72
CA LYS B 6 -14.97 -23.70 4.01
C LYS B 6 -15.19 -22.23 4.39
N LEU B 7 -16.33 -21.62 4.03
CA LEU B 7 -16.59 -20.22 4.40
C LEU B 7 -17.26 -20.05 5.76
N ASN B 8 -17.67 -21.16 6.36
CA ASN B 8 -18.23 -21.18 7.71
C ASN B 8 -17.48 -22.22 8.56
N PRO B 9 -16.19 -21.98 8.85
CA PRO B 9 -15.37 -23.02 9.42
C PRO B 9 -15.60 -23.17 10.94
N PRO B 10 -15.29 -24.35 11.48
CA PRO B 10 -15.38 -24.56 12.92
C PRO B 10 -14.39 -23.68 13.68
N THR B 11 -14.79 -23.29 14.89
CA THR B 11 -13.93 -22.50 15.72
C THR B 11 -12.87 -23.35 16.41
N PRO B 12 -11.59 -22.95 16.33
CA PRO B 12 -10.56 -23.66 17.10
C PRO B 12 -10.90 -23.57 18.60
N SER B 13 -11.01 -24.73 19.23
CA SER B 13 -11.57 -24.78 20.56
C SER B 13 -10.74 -25.66 21.42
N ILE B 14 -10.70 -25.30 22.69
CA ILE B 14 -10.07 -26.12 23.71
C ILE B 14 -11.07 -26.33 24.80
N TYR B 15 -11.26 -27.58 25.19
CA TYR B 15 -12.29 -27.93 26.17
C TYR B 15 -11.57 -28.25 27.50
N LEU B 16 -11.63 -27.38 28.51
CA LEU B 16 -10.93 -27.58 29.79
C LEU B 16 -11.87 -28.24 30.80
N GLU B 17 -11.30 -29.08 31.66
CA GLU B 17 -12.01 -29.64 32.82
C GLU B 17 -11.43 -29.14 34.16
N ASN B 18 -10.11 -29.17 34.28
CA ASN B 18 -9.44 -29.05 35.57
C ASN B 18 -8.32 -28.03 35.46
N LYS B 19 -7.85 -27.54 36.61
CA LYS B 19 -6.78 -26.52 36.64
C LYS B 19 -5.56 -26.97 35.85
N ARG B 20 -5.27 -28.27 35.86
CA ARG B 20 -4.14 -28.82 35.11
C ARG B 20 -4.20 -28.56 33.60
N ASP B 21 -5.37 -28.76 33.00
CA ASP B 21 -5.58 -28.57 31.54
C ASP B 21 -5.17 -27.14 31.14
N ALA B 22 -5.42 -26.20 32.05
CA ALA B 22 -5.10 -24.78 31.81
C ALA B 22 -3.60 -24.47 31.67
N PHE B 23 -2.77 -25.25 32.38
CA PHE B 23 -1.32 -24.99 32.39
C PHE B 23 -0.53 -25.83 31.42
N PHE B 24 -1.23 -26.69 30.68
CA PHE B 24 -0.59 -27.56 29.73
C PHE B 24 0.04 -26.72 28.58
N PRO B 25 1.38 -26.75 28.41
CA PRO B 25 2.06 -25.92 27.37
C PRO B 25 1.51 -25.98 25.93
N PRO B 26 1.06 -27.17 25.47
CA PRO B 26 0.41 -27.13 24.16
C PRO B 26 -0.76 -26.09 24.05
N LEU B 27 -1.37 -25.70 25.16
CA LEU B 27 -2.44 -24.67 25.10
C LEU B 27 -1.93 -23.31 24.57
N HIS B 28 -0.85 -22.85 25.16
CA HIS B 28 -0.11 -21.65 24.75
C HIS B 28 0.26 -21.73 23.25
N GLN B 29 0.78 -22.86 22.84
CA GLN B 29 1.20 -23.09 21.47
C GLN B 29 0.01 -23.10 20.50
N PHE B 30 -1.12 -23.63 20.94
CA PHE B 30 -2.32 -23.68 20.08
C PHE B 30 -2.89 -22.26 19.87
N CYS B 31 -2.94 -21.47 20.94
CA CYS B 31 -3.43 -20.09 20.86
C CYS B 31 -2.56 -19.23 19.94
N THR B 32 -1.24 -19.38 20.01
CA THR B 32 -0.33 -18.49 19.24
C THR B 32 -0.03 -19.00 17.83
N ASN B 33 -0.48 -20.21 17.49
CA ASN B 33 -0.34 -20.79 16.15
C ASN B 33 -1.10 -19.90 15.14
N PRO B 34 -0.38 -19.27 14.20
CA PRO B 34 -1.04 -18.39 13.23
C PRO B 34 -2.14 -19.07 12.39
N LYS B 35 -2.18 -20.40 12.31
CA LYS B 35 -3.27 -21.06 11.59
C LYS B 35 -4.60 -21.02 12.36
N ASN B 36 -4.56 -20.65 13.65
CA ASN B 36 -5.78 -20.47 14.44
C ASN B 36 -6.04 -18.97 14.62
N PRO B 37 -6.98 -18.39 13.85
CA PRO B 37 -7.20 -16.95 13.97
C PRO B 37 -7.79 -16.54 15.32
N VAL B 38 -8.52 -17.47 15.95
CA VAL B 38 -9.11 -17.28 17.26
C VAL B 38 -9.10 -18.64 17.93
N THR B 39 -8.99 -18.64 19.25
CA THR B 39 -9.14 -19.86 20.05
C THR B 39 -10.12 -19.58 21.16
N VAL B 40 -11.11 -20.46 21.33
CA VAL B 40 -12.04 -20.33 22.46
C VAL B 40 -11.68 -21.44 23.46
N ILE B 41 -11.34 -21.04 24.67
CA ILE B 41 -10.96 -21.94 25.75
C ILE B 41 -12.21 -22.07 26.61
N ARG B 42 -12.94 -23.14 26.39
CA ARG B 42 -14.21 -23.37 27.05
C ARG B 42 -13.97 -23.85 28.47
N GLY B 43 -14.74 -23.30 29.40
CA GLY B 43 -14.65 -23.68 30.80
C GLY B 43 -13.41 -23.20 31.53
N LEU B 44 -12.78 -22.18 31.01
CA LEU B 44 -11.53 -21.67 31.56
C LEU B 44 -11.69 -21.17 33.01
N ALA B 45 -12.68 -20.31 33.26
CA ALA B 45 -12.88 -19.77 34.61
C ALA B 45 -13.14 -20.90 35.61
N GLY B 46 -14.02 -21.84 35.25
CA GLY B 46 -14.32 -22.99 36.11
C GLY B 46 -13.08 -23.82 36.40
N ALA B 47 -12.30 -24.10 35.38
CA ALA B 47 -11.10 -24.92 35.52
C ALA B 47 -10.08 -24.32 36.50
N LEU B 48 -9.95 -22.99 36.51
CA LEU B 48 -9.04 -22.28 37.42
C LEU B 48 -9.69 -21.84 38.73
N LYS B 49 -10.98 -22.06 38.90
CA LYS B 49 -11.73 -21.52 40.02
C LYS B 49 -11.54 -20.04 40.13
N LEU B 50 -11.60 -19.38 38.97
CA LEU B 50 -11.64 -17.93 38.94
C LEU B 50 -12.97 -17.43 39.46
N ASP B 51 -12.94 -16.49 40.41
CA ASP B 51 -14.20 -15.94 40.92
C ASP B 51 -14.70 -14.81 40.02
N LEU B 52 -15.59 -15.16 39.10
CA LEU B 52 -16.19 -14.18 38.19
C LEU B 52 -17.10 -13.17 38.90
N GLY B 53 -17.62 -13.54 40.05
CA GLY B 53 -18.38 -12.65 40.93
C GLY B 53 -17.69 -11.35 41.27
N LEU B 54 -16.36 -11.36 41.28
CA LEU B 54 -15.61 -10.15 41.54
C LEU B 54 -15.86 -9.11 40.43
N PHE B 55 -16.40 -9.55 39.28
CA PHE B 55 -16.65 -8.67 38.14
C PHE B 55 -18.16 -8.54 37.84
N SER B 56 -19.02 -8.99 38.75
CA SER B 56 -20.48 -8.83 38.62
C SER B 56 -20.79 -7.35 38.77
N THR B 57 -21.89 -6.93 38.17
CA THR B 57 -22.29 -5.55 38.27
C THR B 57 -22.51 -5.14 39.73
N LYS B 58 -23.08 -6.04 40.55
CA LYS B 58 -23.28 -5.73 41.97
C LYS B 58 -21.95 -5.41 42.63
N THR B 59 -20.94 -6.25 42.37
CA THR B 59 -19.63 -6.06 43.01
C THR B 59 -18.96 -4.77 42.51
N LEU B 60 -19.10 -4.50 41.22
CA LEU B 60 -18.50 -3.27 40.67
C LEU B 60 -19.10 -2.00 41.27
N VAL B 61 -20.42 -1.97 41.43
CA VAL B 61 -21.13 -0.84 41.99
C VAL B 61 -20.66 -0.61 43.41
N GLU B 62 -20.50 -1.69 44.17
CA GLU B 62 -20.02 -1.57 45.53
C GLU B 62 -18.60 -1.05 45.61
N ALA B 63 -17.75 -1.46 44.68
CA ALA B 63 -16.35 -1.09 44.72
C ALA B 63 -16.06 0.36 44.33
N ASN B 64 -16.67 0.84 43.25
CA ASN B 64 -16.33 2.17 42.66
C ASN B 64 -17.54 2.69 41.90
N ASN B 65 -18.55 3.12 42.64
CA ASN B 65 -19.85 3.42 42.05
C ASN B 65 -19.82 4.59 41.08
N GLU B 66 -18.88 5.52 41.26
CA GLU B 66 -18.78 6.72 40.37
C GLU B 66 -17.74 6.55 39.27
N HIS B 67 -17.24 5.34 39.08
CA HIS B 67 -16.19 5.13 38.11
C HIS B 67 -16.75 5.39 36.69
N MET B 68 -15.93 5.96 35.80
CA MET B 68 -16.42 6.33 34.46
C MET B 68 -16.61 5.14 33.56
N VAL B 69 -17.68 5.23 32.77
CA VAL B 69 -18.07 4.27 31.76
C VAL B 69 -18.23 5.05 30.46
N GLU B 70 -17.61 4.62 29.36
CA GLU B 70 -17.91 5.22 28.05
C GLU B 70 -19.13 4.54 27.48
N VAL B 71 -20.18 5.30 27.17
CA VAL B 71 -21.40 4.72 26.65
C VAL B 71 -21.40 4.83 25.12
N ARG B 72 -21.75 3.75 24.45
CA ARG B 72 -22.16 3.82 23.05
C ARG B 72 -23.63 3.61 22.96
N THR B 73 -24.35 4.59 22.39
CA THR B 73 -25.76 4.48 22.17
C THR B 73 -25.93 3.99 20.75
N GLN B 74 -26.64 2.87 20.60
CA GLN B 74 -26.69 2.15 19.35
C GLN B 74 -28.15 1.76 19.09
N LEU B 75 -28.43 1.34 17.86
CA LEU B 75 -29.73 0.74 17.53
C LEU B 75 -29.68 -0.75 17.76
N LEU B 76 -30.79 -1.33 18.23
CA LEU B 76 -30.82 -2.76 18.46
C LEU B 76 -31.14 -3.39 17.11
N GLN B 77 -30.18 -4.13 16.56
CA GLN B 77 -30.32 -4.72 15.23
C GLN B 77 -30.70 -6.18 15.34
N PRO B 78 -31.32 -6.73 14.30
CA PRO B 78 -31.72 -8.13 14.36
C PRO B 78 -30.61 -9.11 14.03
N ALA B 79 -30.50 -10.15 14.85
CA ALA B 79 -29.64 -11.30 14.53
C ALA B 79 -28.21 -10.82 14.25
N ASP B 80 -27.69 -11.16 13.08
CA ASP B 80 -26.31 -10.87 12.69
C ASP B 80 -26.23 -9.79 11.64
N GLU B 81 -27.32 -9.06 11.46
CA GLU B 81 -27.49 -8.04 10.42
C GLU B 81 -27.26 -6.61 10.93
N ASN B 82 -27.05 -5.69 9.99
CA ASN B 82 -27.02 -4.25 10.27
C ASN B 82 -27.73 -3.51 9.15
N TRP B 83 -28.81 -2.80 9.50
CA TRP B 83 -29.67 -2.13 8.54
C TRP B 83 -29.46 -0.63 8.69
N ASP B 84 -29.59 0.10 7.61
CA ASP B 84 -29.62 1.56 7.68
C ASP B 84 -30.75 2.01 8.65
N PRO B 85 -30.65 3.23 9.18
CA PRO B 85 -31.66 3.65 10.17
C PRO B 85 -33.12 3.60 9.67
N THR B 86 -33.37 3.78 8.38
CA THR B 86 -34.74 3.65 7.83
C THR B 86 -35.26 2.20 7.77
N GLY B 87 -34.38 1.21 7.94
CA GLY B 87 -34.78 -0.19 7.86
C GLY B 87 -35.03 -0.68 6.45
N THR B 88 -34.43 -0.02 5.46
CA THR B 88 -34.65 -0.32 4.06
C THR B 88 -33.59 -1.23 3.44
N LYS B 89 -32.35 -1.12 3.86
CA LYS B 89 -31.36 -2.01 3.28
C LYS B 89 -30.25 -2.27 4.28
N LYS B 90 -29.55 -3.38 4.05
CA LYS B 90 -28.43 -3.78 4.85
C LYS B 90 -27.17 -3.04 4.41
N ILE B 91 -26.45 -2.44 5.37
CA ILE B 91 -25.25 -1.67 5.07
C ILE B 91 -24.24 -1.96 6.18
N TRP B 92 -22.99 -1.66 5.91
CA TRP B 92 -21.93 -1.87 6.90
C TRP B 92 -21.85 -0.74 7.95
N ARG B 93 -22.13 0.51 7.57
CA ARG B 93 -21.98 1.64 8.48
C ARG B 93 -22.89 1.53 9.65
N CYS B 94 -22.36 1.62 10.87
CA CYS B 94 -23.29 1.58 11.99
C CYS B 94 -23.32 2.82 12.86
N GLU B 95 -24.53 3.12 13.34
CA GLU B 95 -24.81 4.34 14.13
C GLU B 95 -24.28 4.08 15.52
N SER B 96 -23.47 5.03 16.00
CA SER B 96 -23.06 5.05 17.39
C SER B 96 -22.82 6.48 17.87
N ASN B 97 -23.47 6.87 18.96
CA ASN B 97 -23.19 8.13 19.61
C ASN B 97 -22.51 7.85 20.94
N ARG B 98 -21.57 8.71 21.31
CA ARG B 98 -20.70 8.52 22.46
C ARG B 98 -21.07 9.49 23.56
N SER B 99 -21.04 9.00 24.79
CA SER B 99 -21.30 9.81 26.01
C SER B 99 -20.58 9.11 27.15
N HIS B 100 -20.67 9.67 28.36
CA HIS B 100 -20.09 9.06 29.55
C HIS B 100 -21.22 8.86 30.58
N THR B 101 -21.05 7.85 31.42
CA THR B 101 -21.85 7.65 32.57
C THR B 101 -20.95 7.10 33.67
N THR B 102 -21.57 6.65 34.75
CA THR B 102 -20.87 5.97 35.81
C THR B 102 -21.32 4.51 35.93
N ILE B 103 -20.52 3.73 36.64
CA ILE B 103 -20.86 2.32 36.90
C ILE B 103 -22.25 2.25 37.57
N ALA B 104 -22.50 3.11 38.55
CA ALA B 104 -23.80 3.08 39.27
C ALA B 104 -24.96 3.31 38.28
N LYS B 105 -24.80 4.30 37.43
CA LYS B 105 -25.86 4.66 36.54
C LYS B 105 -26.05 3.64 35.41
N TYR B 106 -24.96 3.10 34.89
CA TYR B 106 -25.10 2.08 33.87
C TYR B 106 -25.71 0.80 34.49
N ALA B 107 -25.32 0.47 35.72
CA ALA B 107 -25.90 -0.68 36.42
C ALA B 107 -27.43 -0.59 36.55
N GLN B 108 -27.94 0.60 36.86
CA GLN B 108 -29.37 0.83 36.95
CA GLN B 108 -29.38 0.76 36.98
C GLN B 108 -30.08 0.50 35.64
N TYR B 109 -29.48 0.96 34.54
CA TYR B 109 -30.00 0.73 33.18
C TYR B 109 -29.91 -0.76 32.79
N GLN B 110 -28.78 -1.39 33.09
CA GLN B 110 -28.58 -2.81 32.80
C GLN B 110 -29.66 -3.63 33.53
N ALA B 111 -29.90 -3.32 34.82
CA ALA B 111 -30.91 -4.03 35.60
C ALA B 111 -32.34 -3.71 35.14
N SER B 112 -32.65 -2.45 34.86
CA SER B 112 -34.02 -2.09 34.47
C SER B 112 -34.34 -2.65 33.10
N SER B 113 -33.38 -2.68 32.20
CA SER B 113 -33.64 -3.27 30.88
CA SER B 113 -33.52 -3.31 30.86
C SER B 113 -33.96 -4.77 30.99
N PHE B 114 -33.33 -5.48 31.91
CA PHE B 114 -33.69 -6.90 32.17
C PHE B 114 -35.11 -7.02 32.72
N GLN B 115 -35.43 -6.25 33.72
CA GLN B 115 -36.79 -6.19 34.24
C GLN B 115 -37.83 -5.88 33.16
N GLU B 116 -37.56 -4.90 32.30
CA GLU B 116 -38.48 -4.58 31.20
C GLU B 116 -38.72 -5.77 30.28
N SER B 117 -37.67 -6.52 29.98
CA SER B 117 -37.75 -7.68 29.10
CA SER B 117 -37.73 -7.67 29.11
C SER B 117 -38.59 -8.77 29.77
N LEU B 118 -38.48 -8.90 31.09
CA LEU B 118 -39.30 -9.87 31.80
C LEU B 118 -40.78 -9.50 31.69
N ARG B 119 -41.08 -8.22 31.89
CA ARG B 119 -42.47 -7.73 31.77
C ARG B 119 -43.04 -7.95 30.37
N GLU B 120 -42.26 -7.66 29.32
CA GLU B 120 -42.65 -7.99 27.93
C GLU B 120 -42.91 -9.45 27.74
N GLU B 121 -41.95 -10.28 28.13
CA GLU B 121 -42.12 -11.73 27.97
C GLU B 121 -43.44 -12.19 28.60
N ASN B 122 -43.87 -11.50 29.64
CA ASN B 122 -45.14 -11.77 30.29
C ASN B 122 -46.34 -10.84 29.91
N GLU B 123 -46.53 -10.56 28.63
CA GLU B 123 -47.67 -9.71 28.25
C GLU B 123 -48.15 -9.96 26.84
N PHE B 150 -36.12 0.83 15.01
CA PHE B 150 -35.37 0.04 15.98
C PHE B 150 -35.34 0.78 17.31
N LYS B 151 -35.31 0.00 18.40
CA LYS B 151 -35.09 0.49 19.73
C LYS B 151 -33.62 0.97 19.86
N THR B 152 -33.39 1.89 20.78
CA THR B 152 -32.07 2.35 21.11
C THR B 152 -31.61 1.57 22.33
N ILE B 153 -30.35 1.11 22.36
CA ILE B 153 -29.74 0.54 23.56
C ILE B 153 -28.44 1.30 23.89
N LYS B 154 -27.95 1.08 25.10
CA LYS B 154 -26.71 1.64 25.52
C LYS B 154 -25.76 0.52 25.93
N PHE B 155 -24.49 0.67 25.53
CA PHE B 155 -23.42 -0.29 25.78
C PHE B 155 -22.36 0.44 26.60
N GLY B 156 -22.04 -0.08 27.78
CA GLY B 156 -20.96 0.45 28.59
C GLY B 156 -19.60 -0.13 28.20
N THR B 157 -18.71 0.69 27.69
CA THR B 157 -17.48 0.15 27.16
C THR B 157 -16.26 0.85 27.77
N ASN B 158 -15.10 0.25 27.54
CA ASN B 158 -13.83 0.88 27.89
C ASN B 158 -13.71 1.33 29.32
N ILE B 159 -14.23 0.53 30.27
CA ILE B 159 -14.16 0.91 31.67
C ILE B 159 -12.76 0.55 32.18
N ASP B 160 -12.06 1.53 32.74
CA ASP B 160 -10.64 1.44 33.00
C ASP B 160 -10.37 0.77 34.35
N LEU B 161 -9.87 -0.46 34.31
CA LEU B 161 -9.52 -1.17 35.55
C LEU B 161 -8.01 -1.15 35.84
N SER B 162 -7.33 -0.04 35.53
CA SER B 162 -5.87 0.05 35.71
C SER B 162 -5.41 0.26 37.16
N ASP B 163 -6.25 0.87 37.98
CA ASP B 163 -5.78 1.33 39.31
C ASP B 163 -5.83 0.17 40.28
N ASN B 164 -4.66 -0.33 40.66
CA ASN B 164 -4.60 -1.45 41.58
C ASN B 164 -5.11 -1.16 43.00
N LYS B 165 -5.17 0.10 43.39
CA LYS B 165 -5.71 0.47 44.68
C LYS B 165 -7.23 0.47 44.65
N LYS B 166 -7.83 0.60 43.46
CA LYS B 166 -9.30 0.56 43.33
C LYS B 166 -9.85 -0.81 43.01
N TRP B 167 -9.03 -1.66 42.39
CA TRP B 167 -9.45 -2.95 41.85
C TRP B 167 -8.53 -4.09 42.30
N LYS B 168 -8.04 -4.00 43.53
CA LYS B 168 -7.01 -4.93 44.02
C LYS B 168 -7.43 -6.38 43.85
N LEU B 169 -8.63 -6.72 44.32
CA LEU B 169 -9.04 -8.12 44.35
C LEU B 169 -9.34 -8.62 42.92
N GLN B 170 -9.87 -7.71 42.09
CA GLN B 170 -10.18 -8.01 40.72
C GLN B 170 -8.90 -8.39 39.95
N LEU B 171 -7.89 -7.56 40.08
CA LEU B 171 -6.66 -7.76 39.33
C LEU B 171 -5.89 -8.94 39.87
N HIS B 172 -5.95 -9.14 41.18
CA HIS B 172 -5.26 -10.28 41.76
C HIS B 172 -5.84 -11.58 41.20
N GLU B 173 -7.16 -11.64 41.03
CA GLU B 173 -7.80 -12.82 40.49
C GLU B 173 -7.24 -13.23 39.12
N LEU B 174 -6.89 -12.25 38.29
CA LEU B 174 -6.38 -12.52 36.95
C LEU B 174 -4.93 -13.02 36.93
N THR B 175 -4.22 -12.93 38.06
CA THR B 175 -2.88 -13.50 38.14
C THR B 175 -2.96 -15.06 38.22
N LYS B 176 -4.16 -15.61 38.33
CA LYS B 176 -4.34 -17.05 38.35
C LYS B 176 -4.30 -17.67 36.96
N LEU B 177 -4.43 -16.84 35.94
CA LEU B 177 -4.33 -17.31 34.56
C LEU B 177 -2.94 -17.86 34.24
N PRO B 178 -2.85 -18.72 33.22
CA PRO B 178 -1.54 -19.16 32.79
C PRO B 178 -0.76 -17.96 32.28
N ALA B 179 0.56 -18.03 32.39
CA ALA B 179 1.42 -16.89 32.14
C ALA B 179 1.15 -16.25 30.80
N PHE B 180 0.96 -17.07 29.75
CA PHE B 180 0.86 -16.52 28.38
C PHE B 180 -0.32 -15.58 28.19
N ALA B 181 -1.35 -15.74 29.01
CA ALA B 181 -2.55 -14.92 28.92
C ALA B 181 -2.63 -13.80 29.94
N ARG B 182 -1.64 -13.70 30.83
CA ARG B 182 -1.72 -12.69 31.89
C ARG B 182 -1.54 -11.27 31.32
N VAL B 183 -2.05 -10.31 32.06
CA VAL B 183 -1.89 -8.89 31.70
C VAL B 183 -0.44 -8.51 31.76
N VAL B 184 0.28 -9.07 32.75
CA VAL B 184 1.70 -8.84 32.95
C VAL B 184 2.44 -10.15 32.94
N SER B 185 3.42 -10.27 32.04
CA SER B 185 4.32 -11.43 32.06
C SER B 185 5.60 -11.15 31.34
N ALA B 186 6.64 -11.91 31.68
CA ALA B 186 7.96 -11.72 31.09
C ALA B 186 7.94 -12.04 29.61
N GLY B 187 6.99 -12.87 29.16
CA GLY B 187 6.85 -13.22 27.77
C GLY B 187 5.84 -12.42 26.94
N ASN B 188 5.39 -11.31 27.50
CA ASN B 188 4.47 -10.41 26.85
C ASN B 188 5.23 -9.14 26.43
N LEU B 189 5.28 -8.86 25.13
CA LEU B 189 5.92 -7.63 24.66
C LEU B 189 5.36 -6.38 25.31
N LEU B 190 4.05 -6.34 25.58
CA LEU B 190 3.45 -5.16 26.19
C LEU B 190 3.95 -4.90 27.64
N THR B 191 4.46 -5.94 28.29
CA THR B 191 5.12 -5.79 29.56
C THR B 191 6.49 -5.15 29.38
N HIS B 192 7.10 -5.32 28.22
CA HIS B 192 8.39 -4.73 27.92
C HIS B 192 8.34 -3.30 27.39
N VAL B 193 7.15 -2.81 27.08
CA VAL B 193 6.98 -1.38 26.76
C VAL B 193 7.57 -0.53 27.90
N GLY B 194 7.30 -0.95 29.14
CA GLY B 194 7.89 -0.29 30.32
C GLY B 194 7.06 0.86 30.86
N HIS B 195 5.87 1.07 30.32
CA HIS B 195 4.89 2.04 30.86
C HIS B 195 3.49 1.62 30.45
N THR B 196 2.50 2.26 31.04
CA THR B 196 1.09 1.97 30.78
C THR B 196 0.62 2.39 29.40
N ILE B 197 -0.06 1.47 28.73
CA ILE B 197 -0.88 1.73 27.58
C ILE B 197 -2.27 1.31 27.96
N LEU B 198 -3.13 2.30 28.25
CA LEU B 198 -4.45 1.99 28.82
C LEU B 198 -5.27 1.07 27.93
N GLY B 199 -5.78 0.00 28.51
CA GLY B 199 -6.61 -0.98 27.80
C GLY B 199 -5.85 -2.02 27.02
N MET B 200 -4.52 -1.87 26.96
CA MET B 200 -3.67 -2.91 26.35
C MET B 200 -2.92 -3.69 27.40
N ASN B 201 -2.06 -3.04 28.18
CA ASN B 201 -1.43 -3.70 29.30
C ASN B 201 -2.11 -3.32 30.61
N THR B 202 -3.36 -2.86 30.52
CA THR B 202 -4.23 -2.74 31.69
C THR B 202 -5.60 -3.27 31.24
N VAL B 203 -6.43 -3.67 32.21
CA VAL B 203 -7.70 -4.34 31.91
C VAL B 203 -8.81 -3.33 31.59
N GLN B 204 -9.58 -3.65 30.58
CA GLN B 204 -10.81 -2.96 30.28
C GLN B 204 -12.03 -3.82 30.58
N LEU B 205 -13.06 -3.20 31.13
CA LEU B 205 -14.30 -3.88 31.42
C LEU B 205 -15.40 -3.33 30.54
N TYR B 206 -16.35 -4.20 30.22
CA TYR B 206 -17.51 -3.91 29.37
C TYR B 206 -18.72 -4.33 30.16
N MET B 207 -19.77 -3.53 30.11
CA MET B 207 -21.06 -3.84 30.76
C MET B 207 -22.11 -3.75 29.67
N LYS B 208 -22.84 -4.84 29.48
CA LYS B 208 -23.67 -5.00 28.30
C LYS B 208 -25.14 -5.32 28.57
N VAL B 209 -25.94 -4.96 27.59
CA VAL B 209 -27.30 -5.44 27.44
C VAL B 209 -27.40 -6.12 26.07
N PRO B 210 -28.47 -6.92 25.85
CA PRO B 210 -28.63 -7.55 24.55
C PRO B 210 -28.54 -6.61 23.39
N GLY B 211 -27.73 -7.00 22.40
CA GLY B 211 -27.53 -6.19 21.20
C GLY B 211 -26.35 -5.22 21.27
N SER B 212 -25.72 -5.07 22.43
CA SER B 212 -24.53 -4.24 22.59
C SER B 212 -23.43 -4.76 21.65
N ARG B 213 -22.99 -3.93 20.70
CA ARG B 213 -22.05 -4.34 19.67
C ARG B 213 -20.74 -3.64 19.70
N THR B 214 -19.68 -4.44 19.53
CA THR B 214 -18.33 -3.96 19.25
C THR B 214 -18.11 -4.15 17.76
N PRO B 215 -18.03 -3.05 17.01
CA PRO B 215 -17.95 -3.22 15.55
C PRO B 215 -16.58 -3.70 15.08
N GLY B 216 -16.46 -3.90 13.79
CA GLY B 216 -15.29 -4.58 13.21
C GLY B 216 -14.02 -3.84 13.43
N HIS B 217 -13.00 -4.58 13.85
CA HIS B 217 -11.72 -3.97 14.04
C HIS B 217 -10.66 -5.02 14.10
N GLN B 218 -9.42 -4.56 13.96
CA GLN B 218 -8.27 -5.29 14.43
C GLN B 218 -7.79 -4.58 15.69
N GLU B 219 -7.06 -5.31 16.52
CA GLU B 219 -6.56 -4.72 17.74
C GLU B 219 -5.50 -3.67 17.43
N ASN B 220 -5.27 -2.78 18.40
CA ASN B 220 -4.26 -1.75 18.25
C ASN B 220 -2.92 -2.39 17.96
N ASN B 221 -2.26 -1.92 16.89
CA ASN B 221 -0.99 -2.48 16.39
C ASN B 221 -0.99 -4.01 16.25
N ASN B 222 -2.17 -4.57 15.96
CA ASN B 222 -2.34 -5.97 15.69
C ASN B 222 -1.86 -6.88 16.85
N PHE B 223 -1.94 -6.42 18.09
CA PHE B 223 -1.64 -7.27 19.23
C PHE B 223 -2.76 -8.27 19.51
N CYS B 224 -2.42 -9.43 20.04
CA CYS B 224 -3.46 -10.39 20.46
C CYS B 224 -4.36 -9.78 21.55
N SER B 225 -5.57 -10.32 21.66
CA SER B 225 -6.49 -9.91 22.70
CA SER B 225 -6.45 -9.92 22.75
C SER B 225 -6.96 -11.15 23.49
N VAL B 226 -7.22 -10.94 24.78
CA VAL B 226 -7.80 -11.93 25.68
C VAL B 226 -9.10 -11.34 26.24
N ASN B 227 -10.19 -12.11 26.17
CA ASN B 227 -11.51 -11.63 26.60
C ASN B 227 -12.17 -12.80 27.40
N ILE B 228 -12.59 -12.48 28.61
CA ILE B 228 -13.38 -13.40 29.43
C ILE B 228 -14.79 -12.83 29.63
N ASN B 229 -15.78 -13.68 29.35
CA ASN B 229 -17.18 -13.33 29.59
C ASN B 229 -17.51 -13.64 31.05
N ILE B 230 -17.96 -12.62 31.76
CA ILE B 230 -18.35 -12.70 33.17
C ILE B 230 -19.72 -13.32 33.31
N GLY B 231 -20.54 -13.19 32.28
CA GLY B 231 -21.91 -13.62 32.33
C GLY B 231 -22.81 -12.58 33.02
N PRO B 232 -24.07 -12.95 33.35
CA PRO B 232 -24.66 -14.28 33.20
C PRO B 232 -25.03 -14.68 31.76
N GLY B 233 -25.15 -13.72 30.85
CA GLY B 233 -25.50 -14.01 29.46
C GLY B 233 -24.30 -14.30 28.54
N ASP B 234 -24.61 -14.61 27.29
CA ASP B 234 -23.64 -15.01 26.28
C ASP B 234 -23.31 -13.84 25.33
N CYS B 235 -22.14 -13.93 24.69
CA CYS B 235 -21.73 -13.08 23.55
C CYS B 235 -21.54 -13.94 22.31
N GLU B 236 -21.80 -13.31 21.18
CA GLU B 236 -21.64 -13.95 19.88
C GLU B 236 -20.55 -13.19 19.14
N TRP B 237 -19.55 -13.95 18.70
CA TRP B 237 -18.37 -13.46 18.03
C TRP B 237 -18.33 -13.84 16.56
N PHE B 238 -17.78 -12.91 15.78
CA PHE B 238 -17.54 -13.07 14.37
C PHE B 238 -16.08 -12.76 14.12
N VAL B 239 -15.40 -13.67 13.42
CA VAL B 239 -13.95 -13.56 13.20
C VAL B 239 -13.55 -13.87 11.76
N VAL B 240 -12.66 -13.04 11.26
CA VAL B 240 -12.07 -13.19 9.93
C VAL B 240 -10.55 -13.26 10.07
N PRO B 241 -9.90 -14.23 9.39
CA PRO B 241 -8.43 -14.30 9.58
C PRO B 241 -7.68 -13.09 9.05
N GLU B 242 -6.49 -12.87 9.62
CA GLU B 242 -5.69 -11.64 9.33
C GLU B 242 -5.43 -11.49 7.84
N ASP B 243 -5.18 -12.61 7.15
CA ASP B 243 -4.78 -12.51 5.74
C ASP B 243 -5.92 -12.05 4.81
N TYR B 244 -7.14 -11.92 5.35
CA TYR B 244 -8.27 -11.36 4.60
C TYR B 244 -8.49 -9.87 4.85
N TRP B 245 -7.68 -9.24 5.71
CA TRP B 245 -8.06 -7.87 6.16
C TRP B 245 -8.11 -6.88 4.98
N GLY B 246 -7.24 -7.10 4.00
CA GLY B 246 -7.16 -6.27 2.77
C GLY B 246 -8.46 -6.28 2.01
N VAL B 247 -9.16 -7.41 2.04
CA VAL B 247 -10.48 -7.51 1.41
C VAL B 247 -11.49 -6.61 2.12
N LEU B 248 -11.51 -6.65 3.47
CA LEU B 248 -12.46 -5.84 4.21
C LEU B 248 -12.05 -4.37 4.05
N ASN B 249 -10.75 -4.10 4.08
CA ASN B 249 -10.28 -2.71 3.86
C ASN B 249 -10.78 -2.21 2.48
N ASP B 250 -10.65 -3.07 1.46
CA ASP B 250 -11.09 -2.71 0.10
C ASP B 250 -12.55 -2.36 0.10
N PHE B 251 -13.37 -3.18 0.75
CA PHE B 251 -14.80 -2.85 0.87
C PHE B 251 -15.03 -1.50 1.49
N CYS B 252 -14.35 -1.23 2.61
CA CYS B 252 -14.48 0.04 3.29
C CYS B 252 -14.12 1.21 2.35
N GLU B 253 -12.98 1.10 1.69
CA GLU B 253 -12.51 2.16 0.81
C GLU B 253 -13.57 2.49 -0.27
N LYS B 254 -14.24 1.45 -0.75
CA LYS B 254 -15.22 1.60 -1.82
C LYS B 254 -16.61 2.04 -1.40
N ASN B 255 -16.84 2.06 -0.11
CA ASN B 255 -18.11 2.39 0.49
C ASN B 255 -18.05 3.52 1.52
N ASN B 256 -17.09 4.41 1.30
CA ASN B 256 -16.96 5.61 2.10
C ASN B 256 -16.82 5.35 3.61
N LEU B 257 -16.03 4.35 3.96
CA LEU B 257 -15.77 4.00 5.34
C LEU B 257 -14.28 3.98 5.60
N ASN B 258 -13.86 4.42 6.78
CA ASN B 258 -12.47 4.32 7.16
C ASN B 258 -12.32 3.02 7.98
N PHE B 259 -11.56 2.07 7.44
CA PHE B 259 -11.43 0.75 8.06
C PHE B 259 -11.02 0.91 9.54
N LEU B 260 -10.04 1.76 9.77
CA LEU B 260 -9.46 1.89 11.13
C LEU B 260 -10.32 2.71 12.08
N MET B 261 -11.03 3.70 11.55
CA MET B 261 -11.62 4.73 12.38
C MET B 261 -13.17 4.76 12.33
N SER B 262 -13.78 4.20 11.32
CA SER B 262 -15.28 4.19 11.31
C SER B 262 -15.85 2.98 12.05
N SER B 263 -17.13 3.09 12.43
CA SER B 263 -17.89 1.96 12.99
C SER B 263 -18.61 1.23 11.88
N TRP B 264 -18.24 -0.02 11.70
CA TRP B 264 -18.87 -0.85 10.67
C TRP B 264 -19.10 -2.27 11.18
N TRP B 265 -20.20 -2.83 10.70
CA TRP B 265 -20.65 -4.20 11.01
C TRP B 265 -20.83 -4.92 9.69
N PRO B 266 -19.93 -5.82 9.37
CA PRO B 266 -20.01 -6.49 8.10
C PRO B 266 -21.31 -7.22 7.79
N ASN B 267 -21.75 -7.07 6.56
CA ASN B 267 -22.86 -7.85 5.99
C ASN B 267 -22.29 -9.21 5.59
N LEU B 268 -22.73 -10.26 6.27
CA LEU B 268 -22.19 -11.59 6.01
C LEU B 268 -22.39 -12.07 4.57
N GLU B 269 -23.44 -11.61 3.89
CA GLU B 269 -23.66 -11.98 2.48
C GLU B 269 -22.58 -11.39 1.57
N ASP B 270 -22.14 -10.18 1.87
CA ASP B 270 -20.97 -9.59 1.17
C ASP B 270 -19.69 -10.42 1.36
N LEU B 271 -19.44 -10.86 2.58
CA LEU B 271 -18.23 -11.59 2.87
C LEU B 271 -18.27 -12.92 2.18
N TYR B 272 -19.45 -13.55 2.20
CA TYR B 272 -19.60 -14.83 1.53
C TYR B 272 -19.39 -14.67 0.02
N GLU B 273 -20.05 -13.68 -0.57
CA GLU B 273 -19.87 -13.30 -1.99
C GLU B 273 -18.40 -13.07 -2.34
N ALA B 274 -17.62 -12.46 -1.44
CA ALA B 274 -16.19 -12.22 -1.64
C ALA B 274 -15.29 -13.38 -1.25
N ASN B 275 -15.87 -14.54 -0.89
CA ASN B 275 -15.07 -15.74 -0.54
CA ASN B 275 -15.09 -15.73 -0.49
C ASN B 275 -14.23 -15.51 0.73
N VAL B 276 -14.78 -14.77 1.71
CA VAL B 276 -14.10 -14.53 2.98
C VAL B 276 -14.71 -15.45 4.03
N PRO B 277 -13.92 -16.33 4.60
CA PRO B 277 -14.46 -17.19 5.67
C PRO B 277 -14.75 -16.39 6.94
N VAL B 278 -15.85 -16.75 7.62
CA VAL B 278 -16.22 -16.12 8.86
C VAL B 278 -16.40 -17.21 9.94
N TYR B 279 -15.59 -17.09 10.98
CA TYR B 279 -15.68 -17.98 12.15
C TYR B 279 -16.70 -17.37 13.04
N ARG B 280 -17.61 -18.15 13.56
CA ARG B 280 -18.69 -17.57 14.31
C ARG B 280 -18.93 -18.53 15.48
N PHE B 281 -19.07 -17.97 16.67
CA PHE B 281 -19.23 -18.80 17.88
C PHE B 281 -19.84 -18.03 19.04
N ILE B 282 -20.32 -18.79 20.03
CA ILE B 282 -20.88 -18.25 21.23
C ILE B 282 -19.87 -18.38 22.34
N GLN B 283 -19.64 -17.29 23.06
CA GLN B 283 -18.79 -17.26 24.23
C GLN B 283 -19.72 -17.21 25.47
N ARG B 284 -19.68 -18.28 26.24
CA ARG B 284 -20.50 -18.42 27.45
C ARG B 284 -19.73 -17.89 28.64
N PRO B 285 -20.42 -17.68 29.77
CA PRO B 285 -19.74 -17.20 30.95
C PRO B 285 -18.58 -18.12 31.38
N GLY B 286 -17.41 -17.52 31.58
CA GLY B 286 -16.20 -18.23 31.92
C GLY B 286 -15.38 -18.72 30.74
N ASP B 287 -15.89 -18.57 29.50
CA ASP B 287 -15.08 -18.90 28.32
C ASP B 287 -14.08 -17.77 28.01
N LEU B 288 -12.84 -18.14 27.73
CA LEU B 288 -11.82 -17.18 27.38
C LEU B 288 -11.64 -17.22 25.85
N VAL B 289 -11.66 -16.04 25.23
CA VAL B 289 -11.47 -15.92 23.77
C VAL B 289 -10.10 -15.30 23.61
N TRP B 290 -9.27 -15.99 22.86
CA TRP B 290 -7.97 -15.51 22.42
C TRP B 290 -8.07 -15.10 20.96
N ILE B 291 -7.89 -13.81 20.71
CA ILE B 291 -7.87 -13.25 19.36
C ILE B 291 -6.41 -13.16 18.92
N ASN B 292 -6.06 -13.95 17.91
CA ASN B 292 -4.69 -13.98 17.44
C ASN B 292 -4.31 -12.69 16.74
N ALA B 293 -3.01 -12.52 16.46
CA ALA B 293 -2.47 -11.27 15.93
C ALA B 293 -3.09 -10.88 14.59
N GLY B 294 -3.72 -9.71 14.55
CA GLY B 294 -4.30 -9.17 13.34
C GLY B 294 -5.66 -9.71 12.93
N THR B 295 -6.20 -10.64 13.71
CA THR B 295 -7.51 -11.18 13.40
C THR B 295 -8.59 -10.13 13.49
N VAL B 296 -9.43 -10.08 12.45
CA VAL B 296 -10.49 -9.08 12.41
C VAL B 296 -11.70 -9.66 13.13
N HIS B 297 -12.39 -8.86 13.93
CA HIS B 297 -13.49 -9.40 14.70
C HIS B 297 -14.51 -8.33 15.07
N TRP B 298 -15.73 -8.80 15.30
CA TRP B 298 -16.81 -7.97 15.78
C TRP B 298 -17.68 -8.90 16.71
N VAL B 299 -18.33 -8.29 17.68
CA VAL B 299 -18.95 -8.99 18.77
C VAL B 299 -20.28 -8.37 19.11
N GLN B 300 -21.23 -9.20 19.56
CA GLN B 300 -22.46 -8.68 20.12
C GLN B 300 -22.89 -9.49 21.33
N ALA B 301 -23.45 -8.80 22.32
CA ALA B 301 -24.06 -9.47 23.41
C ALA B 301 -25.38 -10.09 23.01
N VAL B 302 -25.58 -11.36 23.39
CA VAL B 302 -26.85 -12.04 23.13
C VAL B 302 -27.75 -11.83 24.36
N GLY B 303 -27.15 -11.86 25.54
CA GLY B 303 -27.86 -11.63 26.82
C GLY B 303 -27.31 -10.42 27.55
N TRP B 304 -27.55 -10.36 28.85
CA TRP B 304 -27.00 -9.33 29.74
C TRP B 304 -25.75 -9.93 30.32
N CYS B 305 -24.62 -9.25 30.15
CA CYS B 305 -23.37 -9.74 30.67
C CYS B 305 -22.33 -8.66 30.80
N ASN B 306 -21.26 -8.94 31.52
CA ASN B 306 -20.04 -8.10 31.52
C ASN B 306 -18.91 -8.91 30.90
N ASN B 307 -17.94 -8.22 30.31
CA ASN B 307 -16.72 -8.85 29.81
C ASN B 307 -15.50 -8.11 30.31
N ILE B 308 -14.38 -8.80 30.41
CA ILE B 308 -13.11 -8.15 30.67
C ILE B 308 -12.13 -8.51 29.56
N ALA B 309 -11.28 -7.57 29.22
CA ALA B 309 -10.34 -7.82 28.13
C ALA B 309 -9.06 -7.00 28.27
N TRP B 310 -8.01 -7.47 27.59
CA TRP B 310 -6.72 -6.75 27.52
C TRP B 310 -5.95 -7.32 26.32
N ASN B 311 -4.76 -6.80 26.07
CA ASN B 311 -3.96 -7.27 24.99
C ASN B 311 -2.77 -8.01 25.51
N VAL B 312 -2.23 -8.87 24.66
CA VAL B 312 -0.95 -9.51 24.95
CA VAL B 312 -0.99 -9.59 24.92
C VAL B 312 -0.15 -9.59 23.66
N GLY B 313 1.19 -9.52 23.78
CA GLY B 313 2.06 -9.68 22.63
C GLY B 313 3.03 -10.83 22.82
N PRO B 314 2.68 -12.01 22.30
CA PRO B 314 3.64 -13.13 22.37
C PRO B 314 4.96 -12.80 21.71
N LEU B 315 6.02 -13.39 22.22
CA LEU B 315 7.33 -13.14 21.65
CA LEU B 315 7.35 -13.18 21.66
C LEU B 315 7.50 -14.02 20.42
N THR B 316 6.86 -13.63 19.32
CA THR B 316 6.96 -14.43 18.08
C THR B 316 7.25 -13.54 16.94
N ALA B 317 7.88 -14.11 15.92
CA ALA B 317 8.11 -13.36 14.65
C ALA B 317 6.82 -12.81 14.08
N CYS B 318 5.77 -13.64 14.06
CA CYS B 318 4.52 -13.22 13.51
C CYS B 318 3.94 -12.00 14.24
N GLN B 319 3.95 -12.01 15.57
CA GLN B 319 3.40 -10.88 16.32
C GLN B 319 4.21 -9.60 16.05
N TYR B 320 5.53 -9.75 16.04
CA TYR B 320 6.38 -8.58 15.85
C TYR B 320 6.16 -8.00 14.45
N LYS B 321 6.14 -8.87 13.44
CA LYS B 321 5.97 -8.44 12.04
C LYS B 321 4.66 -7.70 11.85
N LEU B 322 3.59 -8.28 12.40
CA LEU B 322 2.24 -7.67 12.24
C LEU B 322 2.10 -6.35 13.00
N ALA B 323 2.75 -6.23 14.15
CA ALA B 323 2.77 -4.99 14.94
C ALA B 323 3.53 -3.88 14.18
N VAL B 324 4.68 -4.23 13.60
CA VAL B 324 5.45 -3.29 12.79
C VAL B 324 4.70 -2.87 11.55
N GLU B 325 4.06 -3.84 10.88
CA GLU B 325 3.28 -3.51 9.69
C GLU B 325 2.19 -2.49 9.98
N ARG B 326 1.43 -2.73 11.06
CA ARG B 326 0.35 -1.84 11.42
C ARG B 326 0.88 -0.48 11.92
N TYR B 327 2.01 -0.49 12.62
CA TYR B 327 2.71 0.74 12.98
C TYR B 327 3.03 1.63 11.74
N GLU B 328 3.54 1.00 10.68
CA GLU B 328 3.79 1.72 9.41
C GLU B 328 2.53 2.12 8.64
N TRP B 329 1.54 1.26 8.65
CA TRP B 329 0.27 1.57 7.98
C TRP B 329 -0.43 2.74 8.66
N ASN B 330 -0.40 2.74 10.01
CA ASN B 330 -1.00 3.84 10.79
C ASN B 330 -0.39 5.19 10.39
N LYS B 331 0.94 5.22 10.16
CA LYS B 331 1.55 6.47 9.70
C LYS B 331 0.96 6.93 8.36
N LEU B 332 0.81 6.03 7.41
CA LEU B 332 0.17 6.36 6.12
C LEU B 332 -1.26 6.84 6.23
N LYS B 333 -1.98 6.38 7.24
CA LYS B 333 -3.37 6.76 7.45
C LYS B 333 -3.53 7.88 8.44
N SER B 334 -2.42 8.48 8.90
CA SER B 334 -2.45 9.54 9.92
C SER B 334 -3.24 9.17 11.16
N VAL B 335 -3.00 7.97 11.67
CA VAL B 335 -3.62 7.46 12.86
C VAL B 335 -2.50 7.16 13.86
N LYS B 336 -2.69 7.54 15.13
CA LYS B 336 -1.68 7.32 16.12
C LYS B 336 -1.54 5.83 16.45
N SER B 337 -0.30 5.31 16.59
CA SER B 337 -0.10 3.95 17.12
C SER B 337 -0.04 3.95 18.63
N PRO B 338 -0.97 3.23 19.31
CA PRO B 338 -0.87 3.22 20.78
C PRO B 338 0.38 2.52 21.30
N VAL B 339 0.95 1.64 20.47
CA VAL B 339 2.16 0.96 20.87
C VAL B 339 3.38 1.60 20.19
N PRO B 340 4.34 2.10 20.98
CA PRO B 340 5.50 2.82 20.44
C PRO B 340 6.55 1.85 20.00
N MET B 341 6.44 1.35 18.77
CA MET B 341 7.28 0.23 18.34
C MET B 341 8.78 0.52 18.32
N VAL B 342 9.19 1.78 18.19
CA VAL B 342 10.63 2.11 18.31
C VAL B 342 11.13 1.93 19.75
N HIS B 343 10.46 2.59 20.65
CA HIS B 343 10.76 2.44 22.08
C HIS B 343 10.79 0.97 22.51
N LEU B 344 9.75 0.24 22.10
CA LEU B 344 9.64 -1.15 22.44
C LEU B 344 10.75 -1.98 21.85
N SER B 345 11.11 -1.73 20.59
CA SER B 345 12.18 -2.53 19.95
C SER B 345 13.49 -2.43 20.70
N TRP B 346 13.82 -1.20 21.11
CA TRP B 346 15.00 -0.98 21.96
C TRP B 346 14.93 -1.71 23.30
N ASN B 347 13.79 -1.65 23.97
CA ASN B 347 13.63 -2.42 25.22
C ASN B 347 13.77 -3.92 25.02
N MET B 348 13.24 -4.43 23.88
CA MET B 348 13.44 -5.82 23.52
C MET B 348 14.92 -6.17 23.37
N ALA B 349 15.66 -5.32 22.63
CA ALA B 349 17.09 -5.55 22.48
C ALA B 349 17.82 -5.45 23.81
N ARG B 350 17.41 -4.54 24.68
CA ARG B 350 18.08 -4.43 26.00
C ARG B 350 17.82 -5.62 26.89
N ASN B 351 16.60 -6.14 26.87
CA ASN B 351 16.14 -6.98 27.96
C ASN B 351 15.74 -8.42 27.65
N ILE B 352 15.62 -8.78 26.40
CA ILE B 352 15.12 -10.10 26.06
C ILE B 352 16.14 -10.83 25.28
N LYS B 353 16.49 -12.04 25.72
CA LYS B 353 17.38 -12.90 24.94
C LYS B 353 16.53 -13.60 23.93
N VAL B 354 16.78 -13.31 22.65
CA VAL B 354 15.92 -13.80 21.56
C VAL B 354 16.61 -15.04 20.97
N SER B 355 15.86 -16.13 20.87
CA SER B 355 16.38 -17.39 20.39
C SER B 355 15.67 -17.90 19.13
N ASP B 356 14.73 -17.14 18.57
CA ASP B 356 14.14 -17.48 17.27
C ASP B 356 14.82 -16.67 16.16
N PRO B 357 15.50 -17.33 15.21
CA PRO B 357 16.23 -16.56 14.21
C PRO B 357 15.38 -15.57 13.43
N LYS B 358 14.14 -15.94 13.10
CA LYS B 358 13.34 -15.07 12.25
C LYS B 358 12.98 -13.81 13.02
N LEU B 359 12.59 -13.96 14.28
CA LEU B 359 12.27 -12.80 15.11
C LEU B 359 13.48 -11.95 15.34
N PHE B 360 14.59 -12.61 15.66
CA PHE B 360 15.81 -11.91 15.86
C PHE B 360 16.17 -11.04 14.66
N GLU B 361 16.10 -11.62 13.46
CA GLU B 361 16.52 -10.85 12.28
C GLU B 361 15.58 -9.70 12.04
N MET B 362 14.30 -9.86 12.36
CA MET B 362 13.39 -8.74 12.20
C MET B 362 13.73 -7.57 13.12
N ILE B 363 14.02 -7.86 14.40
CA ILE B 363 14.30 -6.84 15.33
C ILE B 363 15.62 -6.16 14.99
N LYS B 364 16.60 -6.97 14.65
CA LYS B 364 17.91 -6.45 14.31
C LYS B 364 17.83 -5.49 13.08
N TYR B 365 17.06 -5.90 12.09
CA TYR B 365 16.80 -5.13 10.90
C TYR B 365 16.18 -3.78 11.27
N CYS B 366 15.11 -3.83 12.10
CA CYS B 366 14.46 -2.55 12.51
C CYS B 366 15.40 -1.61 13.28
N LEU B 367 16.16 -2.16 14.21
CA LEU B 367 17.06 -1.39 15.06
C LEU B 367 18.18 -0.75 14.25
N LEU B 368 18.74 -1.47 13.29
CA LEU B 368 19.77 -0.84 12.46
C LEU B 368 19.22 0.36 11.65
N LYS B 369 18.01 0.21 11.11
CA LYS B 369 17.40 1.31 10.34
C LYS B 369 17.12 2.51 11.23
N ILE B 370 16.65 2.25 12.45
CA ILE B 370 16.41 3.31 13.44
C ILE B 370 17.71 4.00 13.76
N LEU B 371 18.74 3.22 14.11
CA LEU B 371 20.02 3.77 14.52
C LEU B 371 20.66 4.60 13.44
N LYS B 372 20.70 4.09 12.21
CA LYS B 372 21.31 4.86 11.15
C LYS B 372 20.55 6.15 10.86
N GLN B 373 19.22 6.11 10.86
CA GLN B 373 18.42 7.31 10.53
C GLN B 373 18.63 8.37 11.60
N TYR B 374 18.73 7.95 12.85
CA TYR B 374 19.11 8.81 13.98
C TYR B 374 20.53 9.39 13.88
N GLN B 375 21.53 8.55 13.58
CA GLN B 375 22.91 9.06 13.42
C GLN B 375 22.99 10.11 12.33
N THR B 376 22.30 9.86 11.22
CA THR B 376 22.34 10.78 10.12
C THR B 376 21.71 12.14 10.50
N LEU B 377 20.58 12.08 11.17
CA LEU B 377 19.89 13.30 11.56
C LEU B 377 20.75 14.05 12.57
N ARG B 378 21.26 13.34 13.55
CA ARG B 378 22.05 13.99 14.63
C ARG B 378 23.27 14.68 14.07
N GLU B 379 23.96 13.98 13.16
CA GLU B 379 25.13 14.58 12.48
C GLU B 379 24.73 15.81 11.67
N ALA B 380 23.56 15.80 11.04
CA ALA B 380 23.13 16.98 10.24
C ALA B 380 22.83 18.19 11.12
N LEU B 381 22.16 17.94 12.24
CA LEU B 381 21.96 18.97 13.23
C LEU B 381 23.29 19.55 13.74
N VAL B 382 24.23 18.70 14.11
CA VAL B 382 25.53 19.18 14.62
C VAL B 382 26.31 19.94 13.54
N ALA B 383 26.34 19.40 12.32
CA ALA B 383 27.01 20.05 11.18
C ALA B 383 26.42 21.41 10.82
N ALA B 384 25.12 21.57 11.07
CA ALA B 384 24.50 22.88 10.90
C ALA B 384 24.72 23.78 12.11
N GLY B 385 25.40 23.29 13.15
CA GLY B 385 25.70 24.11 14.34
C GLY B 385 24.55 24.19 15.33
N LYS B 386 23.64 23.22 15.30
CA LYS B 386 22.57 23.20 16.25
C LYS B 386 23.05 22.38 17.45
N GLU B 387 23.01 22.96 18.65
CA GLU B 387 23.39 22.24 19.86
C GLU B 387 22.40 21.08 20.16
N VAL B 388 22.92 19.90 20.51
CA VAL B 388 22.09 18.84 21.02
C VAL B 388 22.28 18.85 22.52
N ILE B 389 21.21 19.14 23.25
CA ILE B 389 21.22 19.27 24.70
C ILE B 389 20.94 17.93 25.38
N TRP B 390 21.81 17.51 26.30
CA TRP B 390 21.55 16.29 27.04
C TRP B 390 20.35 16.50 27.96
N HIS B 391 19.37 15.61 27.86
CA HIS B 391 18.16 15.75 28.63
C HIS B 391 17.88 14.51 29.50
N GLY B 392 18.29 13.34 29.02
CA GLY B 392 18.10 12.08 29.77
C GLY B 392 16.62 11.74 29.86
N ARG B 393 16.28 10.89 30.83
CA ARG B 393 14.90 10.50 31.15
C ARG B 393 14.89 9.71 32.47
N THR B 394 13.72 9.66 33.11
CA THR B 394 13.47 8.65 34.17
C THR B 394 13.22 7.28 33.54
N ASN B 395 13.50 6.22 34.30
CA ASN B 395 13.36 4.83 33.79
C ASN B 395 11.94 4.50 33.41
N ASP B 396 10.98 5.03 34.18
CA ASP B 396 9.56 4.76 33.93
C ASP B 396 8.97 5.63 32.81
N GLU B 397 9.77 6.53 32.26
CA GLU B 397 9.24 7.58 31.43
C GLU B 397 8.63 7.03 30.15
N PRO B 398 7.41 7.46 29.83
CA PRO B 398 6.83 6.92 28.58
C PRO B 398 7.58 7.33 27.29
N ALA B 399 7.24 6.66 26.18
CA ALA B 399 7.69 7.04 24.85
C ALA B 399 7.01 8.37 24.52
N HIS B 400 7.56 9.12 23.58
CA HIS B 400 7.00 10.40 23.19
C HIS B 400 6.40 10.38 21.81
N TYR B 401 5.36 11.16 21.61
CA TYR B 401 4.78 11.30 20.29
C TYR B 401 4.72 12.78 19.93
N CYS B 402 4.84 13.09 18.64
CA CYS B 402 4.78 14.46 18.20
C CYS B 402 3.44 15.12 18.59
N SER B 403 3.52 16.29 19.21
CA SER B 403 2.31 17.02 19.60
C SER B 403 1.45 17.48 18.43
N ILE B 404 2.03 17.56 17.23
CA ILE B 404 1.29 17.93 16.04
C ILE B 404 0.74 16.74 15.27
N CYS B 405 1.61 15.87 14.78
CA CYS B 405 1.20 14.79 13.90
C CYS B 405 1.02 13.43 14.59
N GLU B 406 1.44 13.30 15.85
CA GLU B 406 1.31 12.06 16.63
C GLU B 406 2.17 10.86 16.24
N VAL B 407 3.20 11.06 15.42
CA VAL B 407 4.18 10.04 15.14
C VAL B 407 5.01 9.84 16.40
N GLU B 408 5.50 8.63 16.60
CA GLU B 408 6.43 8.40 17.69
C GLU B 408 7.73 9.20 17.41
N VAL B 409 8.24 9.85 18.44
CA VAL B 409 9.50 10.56 18.33
C VAL B 409 10.48 9.84 19.25
N PHE B 410 11.60 9.37 18.71
CA PHE B 410 12.54 8.64 19.50
C PHE B 410 13.83 9.38 19.69
N ASN B 411 14.15 9.55 20.96
CA ASN B 411 15.43 10.09 21.43
C ASN B 411 15.61 11.59 21.30
N LEU B 412 15.72 12.06 20.05
CA LEU B 412 15.86 13.51 19.79
C LEU B 412 14.49 14.17 19.77
N LEU B 413 14.24 15.02 20.77
CA LEU B 413 12.94 15.68 20.92
C LEU B 413 13.10 17.17 20.52
N PHE B 414 12.21 17.67 19.68
CA PHE B 414 12.26 19.05 19.23
C PHE B 414 11.24 19.80 20.03
N VAL B 415 11.74 20.72 20.84
CA VAL B 415 10.97 21.47 21.82
C VAL B 415 11.23 22.97 21.54
N THR B 416 10.19 23.79 21.61
CA THR B 416 10.37 25.20 21.38
C THR B 416 11.30 25.78 22.45
N ASN B 417 11.94 26.89 22.12
CA ASN B 417 12.73 27.62 23.13
C ASN B 417 11.92 27.96 24.38
N GLU B 418 10.65 28.32 24.18
CA GLU B 418 9.77 28.74 25.27
C GLU B 418 9.34 27.54 26.12
N SER B 419 8.95 26.44 25.48
CA SER B 419 8.58 25.23 26.22
C SER B 419 9.77 24.66 26.98
N ASN B 420 10.97 24.78 26.41
CA ASN B 420 12.17 24.38 27.09
C ASN B 420 12.39 25.24 28.38
N THR B 421 12.29 26.55 28.23
CA THR B 421 12.44 27.45 29.36
C THR B 421 11.39 27.15 30.42
N GLN B 422 10.16 26.88 29.99
CA GLN B 422 9.06 26.66 30.94
C GLN B 422 9.09 25.24 31.52
N LYS B 423 9.95 24.40 30.98
CA LYS B 423 10.10 23.01 31.41
C LYS B 423 8.81 22.22 31.22
N THR B 424 8.03 22.58 30.20
CA THR B 424 6.89 21.79 29.76
C THR B 424 7.37 20.73 28.76
N TYR B 425 8.47 21.00 28.06
CA TYR B 425 9.07 20.04 27.17
C TYR B 425 8.04 19.38 26.22
N ILE B 426 7.32 20.21 25.49
CA ILE B 426 6.33 19.77 24.54
C ILE B 426 7.02 19.25 23.28
N VAL B 427 6.82 17.96 23.00
CA VAL B 427 7.60 17.29 21.96
C VAL B 427 7.05 17.48 20.54
N HIS B 428 7.94 17.78 19.60
CA HIS B 428 7.65 17.77 18.16
C HIS B 428 8.62 16.82 17.51
N CYS B 429 8.21 16.24 16.38
CA CYS B 429 9.14 15.57 15.50
C CYS B 429 9.93 16.57 14.70
N HIS B 430 11.00 16.10 14.10
CA HIS B 430 11.86 16.97 13.27
C HIS B 430 11.10 17.64 12.11
N ASP B 431 10.29 16.85 11.41
CA ASP B 431 9.59 17.37 10.28
C ASP B 431 8.63 18.50 10.68
N CYS B 432 7.89 18.28 11.74
CA CYS B 432 6.89 19.29 12.18
C CYS B 432 7.61 20.54 12.67
N ALA B 433 8.75 20.38 13.33
CA ALA B 433 9.51 21.49 13.83
C ALA B 433 10.03 22.32 12.69
N ARG B 434 10.60 21.66 11.69
CA ARG B 434 11.15 22.32 10.51
C ARG B 434 10.09 23.04 9.69
N LYS B 435 8.89 22.46 9.62
CA LYS B 435 7.80 23.11 8.94
C LYS B 435 7.33 24.44 9.54
N THR B 436 7.40 24.54 10.85
CA THR B 436 7.06 25.83 11.40
CA THR B 436 7.10 25.75 11.68
C THR B 436 8.25 26.77 11.61
N SER B 437 9.46 26.27 11.76
CA SER B 437 10.68 27.08 11.97
C SER B 437 11.79 26.55 11.03
N LYS B 438 12.05 27.29 9.95
CA LYS B 438 12.87 26.73 8.83
C LYS B 438 14.28 26.33 9.18
N SER B 439 14.97 27.06 10.04
CA SER B 439 16.32 26.65 10.47
C SER B 439 16.31 26.18 11.91
N LEU B 440 15.14 25.81 12.42
CA LEU B 440 14.97 25.40 13.82
C LEU B 440 15.39 26.46 14.82
N GLU B 441 15.39 27.72 14.37
CA GLU B 441 15.72 28.86 15.21
C GLU B 441 14.79 28.95 16.42
N ASN B 442 13.57 28.43 16.29
CA ASN B 442 12.58 28.42 17.39
C ASN B 442 12.62 27.22 18.35
N PHE B 443 13.56 26.31 18.13
CA PHE B 443 13.57 25.02 18.82
C PHE B 443 14.93 24.68 19.45
N VAL B 444 14.88 23.88 20.52
CA VAL B 444 16.06 23.22 21.06
C VAL B 444 15.88 21.73 20.74
N VAL B 445 17.01 21.05 20.69
CA VAL B 445 17.01 19.60 20.46
C VAL B 445 17.45 18.90 21.72
N LEU B 446 16.58 18.09 22.27
CA LEU B 446 16.87 17.42 23.52
C LEU B 446 17.17 15.97 23.16
N GLU B 447 18.13 15.39 23.88
CA GLU B 447 18.51 13.97 23.66
C GLU B 447 18.30 13.17 24.93
N GLN B 448 17.60 12.04 24.81
CA GLN B 448 17.26 11.24 25.96
C GLN B 448 18.19 10.03 26.15
N TYR B 449 18.83 9.54 25.09
CA TYR B 449 19.74 8.36 25.16
C TYR B 449 21.04 8.73 24.47
N LYS B 450 22.17 8.38 25.09
CA LYS B 450 23.47 8.63 24.48
C LYS B 450 23.69 7.73 23.28
N MET B 451 24.31 8.31 22.26
CA MET B 451 24.62 7.56 21.05
C MET B 451 25.35 6.28 21.40
N GLU B 452 26.32 6.41 22.30
CA GLU B 452 27.18 5.24 22.56
C GLU B 452 26.43 4.11 23.24
N ASP B 453 25.40 4.48 24.01
CA ASP B 453 24.59 3.51 24.72
CA ASP B 453 24.63 3.51 24.75
C ASP B 453 23.73 2.76 23.72
N LEU B 454 23.12 3.47 22.76
CA LEU B 454 22.32 2.78 21.69
C LEU B 454 23.19 1.87 20.77
N ILE B 455 24.36 2.35 20.38
CA ILE B 455 25.26 1.51 19.58
C ILE B 455 25.62 0.22 20.34
N GLN B 456 25.92 0.37 21.64
CA GLN B 456 26.25 -0.81 22.44
C GLN B 456 25.08 -1.79 22.51
N VAL B 457 23.89 -1.27 22.73
CA VAL B 457 22.73 -2.12 22.84
C VAL B 457 22.56 -2.89 21.54
N TYR B 458 22.78 -2.23 20.40
CA TYR B 458 22.62 -2.88 19.11
C TYR B 458 23.70 -3.96 18.89
N ASP B 459 24.94 -3.57 19.17
CA ASP B 459 26.09 -4.49 19.02
C ASP B 459 25.96 -5.70 19.92
N GLN B 460 25.41 -5.51 21.11
CA GLN B 460 25.27 -6.60 22.07
C GLN B 460 24.04 -7.47 21.85
N PHE B 461 23.17 -7.10 20.93
CA PHE B 461 21.94 -7.83 20.69
C PHE B 461 22.24 -8.96 19.70
N THR B 462 22.28 -10.18 20.22
CA THR B 462 22.73 -11.32 19.45
C THR B 462 21.80 -12.51 19.61
N LEU B 463 21.84 -13.39 18.62
CA LEU B 463 20.93 -14.53 18.58
C LEU B 463 21.42 -15.59 19.54
N ALA B 464 20.59 -15.90 20.53
CA ALA B 464 20.97 -16.96 21.48
C ALA B 464 20.58 -18.34 20.93
N LEU B 465 21.33 -19.35 21.28
CA LEU B 465 20.93 -20.72 20.88
C LEU B 465 19.92 -21.26 21.90
N SER B 466 18.73 -21.63 21.43
CA SER B 466 17.84 -22.41 22.25
C SER B 466 17.40 -23.60 21.42
N LEU B 467 17.34 -24.76 22.05
CA LEU B 467 16.82 -25.94 21.39
C LEU B 467 15.26 -26.05 21.44
N SER B 468 14.61 -25.14 22.13
CA SER B 468 13.13 -25.17 22.31
C SER B 468 12.38 -24.67 21.09
N SER B 469 11.21 -25.01 20.95
#